data_5ZON
#
_entry.id   5ZON
#
_cell.length_a   49.030
_cell.length_b   71.062
_cell.length_c   91.586
_cell.angle_alpha   92.16
_cell.angle_beta   96.16
_cell.angle_gamma   101.94
#
_symmetry.space_group_name_H-M   'P 1'
#
loop_
_entity.id
_entity.type
_entity.pdbx_description
1 polymer Histidinol-phosphatase
2 non-polymer 'ZINC ION'
3 non-polymer 'PHOSPHATE ION'
4 non-polymer GLYCEROL
5 water water
#
_entity_poly.entity_id   1
_entity_poly.type   'polypeptide(L)'
_entity_poly.pdbx_seq_one_letter_code
;MHHHHHHVSHDDLMLALALADRADELTRVRFGALDLRIDTKPDLTPVTDADRAVESDVRQTLGRDRPGDGVLGEEFGGST
TFTGRQWIVDPIDGTKNFVRGVPVWASLIALLEDGVPSVGVVSAPALQRRWWAARGRGAFASVDGARPHRLSVSSVAELH
SASLSFSSLSGWARPGLRERFIGLTDTVWRVRAYGDFLSYCLVAEGAVDIAAEPQVSVWDLAALDIVVREAGGRLTSLDG
VAGPHGGSAVATNGLLHDEVLTRLNAG
;
_entity_poly.pdbx_strand_id   A,B,C,D
#
# COMPACT_ATOMS: atom_id res chain seq x y z
N HIS A 10 -5.83 6.28 22.54
CA HIS A 10 -5.13 7.54 22.14
C HIS A 10 -3.60 7.39 22.28
N ASP A 11 -3.13 6.21 22.73
CA ASP A 11 -1.70 6.02 22.94
C ASP A 11 -1.07 5.49 21.63
N ASP A 12 -0.22 6.32 21.06
CA ASP A 12 0.42 6.00 19.79
C ASP A 12 1.42 4.84 19.96
N LEU A 13 2.09 4.77 21.11
CA LEU A 13 3.04 3.69 21.37
C LEU A 13 2.31 2.34 21.45
N MET A 14 1.18 2.34 22.16
CA MET A 14 0.39 1.13 22.29
C MET A 14 -0.09 0.69 20.90
N LEU A 15 -0.53 1.62 20.06
CA LEU A 15 -0.94 1.26 18.69
C LEU A 15 0.27 0.72 17.91
N ALA A 16 1.42 1.40 18.00
CA ALA A 16 2.63 0.95 17.26
C ALA A 16 2.99 -0.49 17.67
N LEU A 17 2.92 -0.80 18.96
CA LEU A 17 3.25 -2.15 19.45
C LEU A 17 2.21 -3.18 18.96
N ALA A 18 0.97 -2.77 18.80
CA ALA A 18 -0.09 -3.65 18.25
C ALA A 18 0.11 -3.86 16.74
N LEU A 19 0.54 -2.82 16.02
CA LEU A 19 0.93 -3.00 14.59
C LEU A 19 2.08 -4.01 14.50
N ALA A 20 3.03 -3.91 15.41
CA ALA A 20 4.17 -4.87 15.38
C ALA A 20 3.69 -6.30 15.68
N ASP A 21 2.73 -6.44 16.58
CA ASP A 21 2.19 -7.79 16.89
C ASP A 21 1.61 -8.38 15.61
N ARG A 22 0.87 -7.58 14.85
CA ARG A 22 0.19 -8.07 13.64
C ARG A 22 1.23 -8.33 12.54
N ALA A 23 2.24 -7.45 12.42
CA ALA A 23 3.28 -7.63 11.42
C ALA A 23 3.99 -8.96 11.72
N ASP A 24 4.31 -9.21 12.99
CA ASP A 24 5.07 -10.41 13.40
C ASP A 24 4.27 -11.68 13.07
N GLU A 25 2.94 -11.65 13.24
CA GLU A 25 2.16 -12.85 12.91
C GLU A 25 2.30 -13.16 11.42
N LEU A 26 2.34 -12.13 10.57
CA LEU A 26 2.40 -12.37 9.13
C LEU A 26 3.85 -12.72 8.72
N THR A 27 4.86 -12.03 9.25
CA THR A 27 6.23 -12.32 8.83
C THR A 27 6.71 -13.69 9.34
N ARG A 28 6.30 -14.08 10.55
CA ARG A 28 6.68 -15.43 11.05
C ARG A 28 6.22 -16.51 10.07
N VAL A 29 4.98 -16.41 9.61
CA VAL A 29 4.41 -17.44 8.72
C VAL A 29 5.25 -17.47 7.42
N ARG A 30 5.57 -16.30 6.87
CA ARG A 30 6.21 -16.24 5.58
C ARG A 30 7.66 -16.69 5.72
N PHE A 31 8.29 -16.39 6.86
CA PHE A 31 9.70 -16.79 7.08
C PHE A 31 9.78 -18.30 7.20
N GLY A 32 8.82 -18.89 7.91
CA GLY A 32 8.75 -20.33 8.15
C GLY A 32 8.46 -21.12 6.87
N ALA A 33 7.78 -20.50 5.91
CA ALA A 33 7.34 -21.18 4.70
C ALA A 33 8.41 -21.15 3.60
N LEU A 34 9.54 -20.48 3.82
CA LEU A 34 10.48 -20.29 2.72
C LEU A 34 11.08 -21.62 2.25
N ASP A 35 11.29 -21.71 0.95
CA ASP A 35 12.16 -22.70 0.34
C ASP A 35 13.60 -22.17 0.42
N LEU A 36 14.45 -22.85 1.18
CA LEU A 36 15.79 -22.35 1.46
C LEU A 36 16.80 -23.02 0.51
N ARG A 37 16.36 -23.94 -0.34
CA ARG A 37 17.30 -24.57 -1.29
C ARG A 37 17.75 -23.48 -2.27
N ILE A 38 19.04 -23.37 -2.55
CA ILE A 38 19.51 -22.24 -3.33
C ILE A 38 20.81 -22.62 -4.04
N ASP A 39 21.00 -22.13 -5.26
CA ASP A 39 22.21 -22.52 -6.00
C ASP A 39 22.75 -21.32 -6.78
N THR A 40 22.11 -20.17 -6.61
CA THR A 40 22.55 -18.91 -7.22
C THR A 40 22.16 -17.76 -6.27
N LYS A 41 22.18 -16.51 -6.75
CA LYS A 41 21.57 -15.39 -6.05
C LYS A 41 20.12 -15.74 -5.71
N PRO A 42 19.59 -15.27 -4.55
CA PRO A 42 18.26 -15.74 -4.17
C PRO A 42 17.15 -15.03 -4.95
N ASP A 43 16.07 -15.75 -5.16
CA ASP A 43 14.89 -15.15 -5.74
C ASP A 43 14.13 -14.40 -4.62
N LEU A 44 14.01 -13.08 -4.75
CA LEU A 44 13.46 -12.26 -3.69
C LEU A 44 11.93 -12.27 -3.72
N THR A 45 11.29 -12.92 -4.70
CA THR A 45 9.83 -12.77 -4.94
C THR A 45 8.98 -13.06 -3.67
N PRO A 46 9.16 -14.21 -3.00
CA PRO A 46 8.37 -14.44 -1.78
C PRO A 46 8.60 -13.39 -0.67
N VAL A 47 9.79 -12.81 -0.62
CA VAL A 47 10.10 -11.82 0.40
C VAL A 47 9.44 -10.50 0.02
N THR A 48 9.56 -10.13 -1.25
CA THR A 48 8.91 -8.91 -1.77
C THR A 48 7.41 -9.03 -1.49
N ASP A 49 6.82 -10.23 -1.72
CA ASP A 49 5.41 -10.43 -1.48
C ASP A 49 5.07 -10.21 -0.02
N ALA A 50 5.86 -10.80 0.90
CA ALA A 50 5.64 -10.66 2.34
C ALA A 50 5.78 -9.17 2.75
N ASP A 51 6.84 -8.51 2.24
CA ASP A 51 7.11 -7.11 2.49
C ASP A 51 5.86 -6.27 2.15
N ARG A 52 5.36 -6.48 0.94
CA ARG A 52 4.16 -5.70 0.46
C ARG A 52 2.90 -6.06 1.26
N ALA A 53 2.72 -7.32 1.59
CA ALA A 53 1.52 -7.74 2.36
C ALA A 53 1.52 -7.11 3.75
N VAL A 54 2.68 -7.00 4.41
CA VAL A 54 2.71 -6.41 5.75
C VAL A 54 2.39 -4.91 5.64
N GLU A 55 2.97 -4.26 4.64
CA GLU A 55 2.72 -2.84 4.50
C GLU A 55 1.20 -2.57 4.30
N SER A 56 0.59 -3.39 3.47
CA SER A 56 -0.84 -3.26 3.16
C SER A 56 -1.66 -3.42 4.45
N ASP A 57 -1.33 -4.40 5.26
CA ASP A 57 -2.05 -4.65 6.51
C ASP A 57 -1.84 -3.45 7.47
N VAL A 58 -0.60 -2.94 7.57
CA VAL A 58 -0.34 -1.78 8.44
C VAL A 58 -1.18 -0.57 7.97
N ARG A 59 -1.18 -0.32 6.67
CA ARG A 59 -1.92 0.82 6.10
CA ARG A 59 -1.92 0.82 6.10
C ARG A 59 -3.42 0.68 6.40
N GLN A 60 -3.96 -0.53 6.21
CA GLN A 60 -5.37 -0.81 6.50
C GLN A 60 -5.68 -0.54 7.99
N THR A 61 -4.86 -1.04 8.92
CA THR A 61 -5.10 -0.73 10.35
C THR A 61 -5.01 0.77 10.63
N LEU A 62 -4.00 1.46 10.09
CA LEU A 62 -3.84 2.88 10.43
C LEU A 62 -4.98 3.70 9.81
N GLY A 63 -5.44 3.30 8.62
CA GLY A 63 -6.62 3.92 8.03
C GLY A 63 -7.83 3.81 8.95
N ARG A 64 -7.98 2.68 9.65
CA ARG A 64 -9.08 2.47 10.58
C ARG A 64 -8.85 3.23 11.89
N ASP A 65 -7.65 3.13 12.49
CA ASP A 65 -7.45 3.62 13.86
C ASP A 65 -6.92 5.05 13.89
N ARG A 66 -6.36 5.55 12.78
CA ARG A 66 -5.80 6.90 12.77
C ARG A 66 -6.15 7.56 11.42
N PRO A 67 -7.47 7.73 11.16
CA PRO A 67 -7.84 8.11 9.80
C PRO A 67 -7.21 9.40 9.28
N GLY A 68 -6.85 10.40 10.09
CA GLY A 68 -6.20 11.59 9.50
C GLY A 68 -4.69 11.45 9.26
N ASP A 69 -4.07 10.39 9.76
CA ASP A 69 -2.59 10.34 9.80
C ASP A 69 -2.04 9.90 8.44
N GLY A 70 -0.98 10.55 7.97
CA GLY A 70 -0.29 10.06 6.78
C GLY A 70 0.50 8.79 7.03
N VAL A 71 0.65 7.92 6.01
CA VAL A 71 1.46 6.71 6.12
C VAL A 71 2.41 6.60 4.92
N LEU A 72 3.71 6.52 5.22
CA LEU A 72 4.79 6.48 4.25
C LEU A 72 5.48 5.12 4.41
N GLY A 73 5.42 4.30 3.36
CA GLY A 73 5.92 2.93 3.45
C GLY A 73 7.01 2.68 2.44
N GLU A 74 7.94 1.77 2.77
CA GLU A 74 9.09 1.55 1.91
C GLU A 74 8.63 0.89 0.60
N GLU A 75 7.56 0.10 0.61
CA GLU A 75 7.12 -0.72 -0.55
C GLU A 75 6.10 0.08 -1.40
N PHE A 76 5.20 0.88 -0.81
CA PHE A 76 4.21 1.55 -1.66
C PHE A 76 4.45 3.07 -1.74
N GLY A 77 5.35 3.60 -0.93
CA GLY A 77 5.64 5.02 -0.99
C GLY A 77 4.63 5.87 -0.22
N GLY A 78 4.34 7.06 -0.76
CA GLY A 78 3.52 8.07 -0.05
C GLY A 78 4.21 9.44 -0.08
N SER A 79 3.45 10.52 0.06
CA SER A 79 3.99 11.86 0.34
C SER A 79 4.55 11.91 1.78
N THR A 80 5.53 12.77 2.03
CA THR A 80 5.95 13.06 3.38
C THR A 80 5.40 14.43 3.80
N THR A 81 4.84 14.47 5.00
CA THR A 81 4.63 15.74 5.70
C THR A 81 5.75 15.91 6.74
N PHE A 82 6.34 17.11 6.74
CA PHE A 82 7.41 17.46 7.69
C PHE A 82 6.82 18.23 8.87
N THR A 83 5.49 18.28 8.93
CA THR A 83 4.82 19.07 9.96
C THR A 83 3.73 18.24 10.64
N GLY A 84 2.98 17.44 9.92
CA GLY A 84 1.84 16.79 10.61
C GLY A 84 2.28 15.55 11.37
N ARG A 85 1.31 14.66 11.57
CA ARG A 85 1.59 13.29 12.06
C ARG A 85 1.89 12.41 10.83
N GLN A 86 3.00 11.67 10.88
CA GLN A 86 3.37 10.83 9.72
C GLN A 86 3.90 9.49 10.24
N TRP A 87 3.24 8.38 9.89
CA TRP A 87 3.77 7.04 10.19
C TRP A 87 4.75 6.65 9.09
N ILE A 88 5.85 6.02 9.48
CA ILE A 88 6.82 5.58 8.50
C ILE A 88 7.10 4.11 8.82
N VAL A 89 7.02 3.23 7.83
CA VAL A 89 7.10 1.79 8.05
C VAL A 89 8.07 1.18 7.04
N ASP A 90 8.96 0.30 7.51
CA ASP A 90 9.62 -0.67 6.66
C ASP A 90 9.18 -2.06 7.15
N PRO A 91 8.25 -2.70 6.42
CA PRO A 91 7.63 -3.94 6.95
C PRO A 91 8.67 -5.04 7.22
N ILE A 92 9.66 -5.15 6.34
CA ILE A 92 10.75 -6.08 6.51
C ILE A 92 12.05 -5.40 6.12
N ASP A 93 12.84 -5.06 7.13
CA ASP A 93 14.20 -4.63 6.90
C ASP A 93 15.13 -5.83 7.02
N GLY A 94 16.05 -6.02 6.09
CA GLY A 94 16.90 -7.25 6.10
C GLY A 94 16.32 -8.36 5.23
N THR A 95 15.66 -7.95 4.16
CA THR A 95 15.06 -8.97 3.26
C THR A 95 16.13 -9.91 2.67
N LYS A 96 17.34 -9.46 2.42
CA LYS A 96 18.38 -10.37 1.92
C LYS A 96 18.80 -11.38 3.00
N ASN A 97 18.55 -11.11 4.28
CA ASN A 97 18.76 -12.12 5.34
C ASN A 97 17.54 -13.07 5.36
N PHE A 98 16.35 -12.46 5.40
CA PHE A 98 15.08 -13.16 5.40
C PHE A 98 15.08 -14.28 4.34
N VAL A 99 15.43 -13.94 3.11
CA VAL A 99 15.34 -14.89 1.97
C VAL A 99 16.35 -16.05 2.13
N ARG A 100 17.47 -15.86 2.84
CA ARG A 100 18.47 -16.91 2.96
C ARG A 100 18.22 -17.71 4.23
N GLY A 101 17.32 -17.24 5.09
CA GLY A 101 17.08 -17.98 6.30
C GLY A 101 17.88 -17.45 7.47
N VAL A 102 18.61 -16.32 7.30
CA VAL A 102 19.29 -15.60 8.40
C VAL A 102 18.23 -14.81 9.17
N PRO A 103 18.14 -14.95 10.52
CA PRO A 103 17.03 -14.38 11.25
C PRO A 103 17.16 -12.89 11.61
N VAL A 104 18.19 -12.23 11.13
CA VAL A 104 18.41 -10.76 11.33
C VAL A 104 17.54 -9.96 10.37
N TRP A 105 16.28 -9.80 10.72
CA TRP A 105 15.36 -9.02 9.90
C TRP A 105 14.31 -8.45 10.86
N ALA A 106 13.60 -7.36 10.48
CA ALA A 106 12.67 -6.79 11.46
C ALA A 106 11.68 -5.85 10.77
N SER A 107 10.52 -5.67 11.38
CA SER A 107 9.59 -4.60 11.00
C SER A 107 10.00 -3.36 11.76
N LEU A 108 10.05 -2.23 11.07
CA LEU A 108 10.39 -0.95 11.66
C LEU A 108 9.20 -0.02 11.49
N ILE A 109 8.66 0.48 12.60
CA ILE A 109 7.44 1.28 12.60
C ILE A 109 7.73 2.52 13.43
N ALA A 110 7.43 3.70 12.88
CA ALA A 110 7.69 4.94 13.57
C ALA A 110 6.55 5.94 13.34
N LEU A 111 6.32 6.82 14.29
CA LEU A 111 5.49 8.00 14.07
C LEU A 111 6.39 9.23 14.18
N LEU A 112 6.34 10.10 13.18
CA LEU A 112 6.90 11.46 13.28
C LEU A 112 5.78 12.45 13.59
N GLU A 113 6.11 13.42 14.45
CA GLU A 113 5.31 14.62 14.65
C GLU A 113 6.22 15.81 14.32
N ASP A 114 5.79 16.71 13.42
CA ASP A 114 6.62 17.89 13.12
C ASP A 114 8.01 17.43 12.65
N GLY A 115 8.09 16.34 11.90
CA GLY A 115 9.33 15.88 11.24
C GLY A 115 10.18 14.97 12.13
N VAL A 116 9.86 14.91 13.42
CA VAL A 116 10.72 14.29 14.44
C VAL A 116 10.08 12.96 14.90
N PRO A 117 10.81 11.85 14.77
CA PRO A 117 10.34 10.54 15.31
C PRO A 117 9.94 10.69 16.79
N SER A 118 8.72 10.32 17.16
CA SER A 118 8.26 10.43 18.53
C SER A 118 7.89 9.05 19.11
N VAL A 119 7.66 8.05 18.25
CA VAL A 119 7.37 6.68 18.63
C VAL A 119 8.13 5.78 17.67
N GLY A 120 8.79 4.74 18.18
CA GLY A 120 9.48 3.79 17.29
C GLY A 120 9.38 2.38 17.83
N VAL A 121 9.19 1.41 16.93
CA VAL A 121 9.21 -0.01 17.31
C VAL A 121 10.07 -0.76 16.28
N VAL A 122 10.95 -1.61 16.78
CA VAL A 122 11.76 -2.47 15.93
C VAL A 122 11.43 -3.90 16.36
N SER A 123 10.82 -4.69 15.47
CA SER A 123 10.31 -5.99 15.87
C SER A 123 10.96 -7.08 15.04
N ALA A 124 11.75 -7.94 15.72
CA ALA A 124 12.53 -9.01 15.12
C ALA A 124 12.07 -10.36 15.68
N PRO A 125 10.96 -10.91 15.18
CA PRO A 125 10.37 -12.13 15.74
C PRO A 125 11.28 -13.36 15.63
N ALA A 126 12.16 -13.46 14.62
CA ALA A 126 13.05 -14.63 14.54
C ALA A 126 14.29 -14.47 15.43
N LEU A 127 14.53 -13.30 15.99
CA LEU A 127 15.56 -13.10 17.03
C LEU A 127 14.87 -13.14 18.40
N GLN A 128 13.54 -13.33 18.39
CA GLN A 128 12.71 -13.26 19.60
C GLN A 128 12.95 -11.93 20.33
N ARG A 129 12.99 -10.81 19.60
CA ARG A 129 13.40 -9.52 20.23
C ARG A 129 12.54 -8.37 19.69
N ARG A 130 12.31 -7.37 20.53
CA ARG A 130 11.63 -6.15 20.13
C ARG A 130 12.31 -5.00 20.89
N TRP A 131 12.50 -3.87 20.20
CA TRP A 131 12.96 -2.66 20.82
C TRP A 131 11.92 -1.56 20.58
N TRP A 132 11.71 -0.68 21.58
CA TRP A 132 10.79 0.43 21.31
C TRP A 132 11.13 1.65 22.16
N ALA A 133 10.56 2.79 21.76
CA ALA A 133 10.77 4.03 22.46
C ALA A 133 9.65 5.02 22.13
N ALA A 134 9.48 5.97 23.03
CA ALA A 134 8.56 7.08 22.81
C ALA A 134 9.17 8.33 23.46
N ARG A 135 8.99 9.47 22.82
CA ARG A 135 9.60 10.73 23.27
C ARG A 135 9.28 10.95 24.75
N GLY A 136 10.30 11.24 25.53
CA GLY A 136 10.14 11.54 26.96
C GLY A 136 9.93 10.30 27.82
N ARG A 137 9.82 9.09 27.26
CA ARG A 137 9.35 7.95 28.04
C ARG A 137 10.35 6.79 28.04
N GLY A 138 11.51 7.00 27.44
CA GLY A 138 12.61 6.03 27.50
C GLY A 138 12.57 5.01 26.37
N ALA A 139 13.64 4.21 26.27
CA ALA A 139 13.68 3.13 25.28
C ALA A 139 13.74 1.80 26.04
N PHE A 140 13.18 0.75 25.43
CA PHE A 140 13.06 -0.55 26.08
C PHE A 140 13.36 -1.67 25.09
N ALA A 141 13.75 -2.84 25.63
CA ALA A 141 13.85 -4.03 24.82
C ALA A 141 13.20 -5.20 25.57
N SER A 142 12.70 -6.17 24.82
CA SER A 142 12.28 -7.42 25.43
C SER A 142 12.87 -8.58 24.62
N VAL A 143 13.25 -9.63 25.34
CA VAL A 143 13.76 -10.86 24.75
C VAL A 143 12.76 -11.96 25.10
N ASP A 144 12.27 -12.65 24.07
CA ASP A 144 11.24 -13.70 24.15
C ASP A 144 10.12 -13.26 25.08
N GLY A 145 9.59 -12.06 24.87
CA GLY A 145 8.48 -11.54 25.67
C GLY A 145 8.66 -11.73 27.17
N ALA A 146 9.88 -11.72 27.70
CA ALA A 146 10.08 -11.48 29.13
C ALA A 146 9.73 -10.01 29.43
N ARG A 147 9.81 -9.57 30.68
CA ARG A 147 9.53 -8.17 31.02
C ARG A 147 10.50 -7.26 30.24
N PRO A 148 10.04 -6.09 29.80
CA PRO A 148 10.90 -5.07 29.17
C PRO A 148 12.04 -4.64 30.12
N HIS A 149 13.20 -4.32 29.57
CA HIS A 149 14.27 -3.63 30.30
C HIS A 149 14.54 -2.27 29.64
N ARG A 150 14.78 -1.27 30.46
CA ARG A 150 15.05 0.08 30.01
C ARG A 150 16.47 0.11 29.42
N LEU A 151 16.64 0.79 28.29
CA LEU A 151 17.94 0.79 27.58
C LEU A 151 18.73 2.04 27.92
N SER A 152 20.05 1.86 27.92
CA SER A 152 20.96 2.94 28.11
C SER A 152 22.21 2.71 27.26
N VAL A 153 22.66 3.74 26.54
CA VAL A 153 23.90 3.64 25.74
C VAL A 153 25.09 3.53 26.71
N SER A 154 26.26 3.14 26.22
CA SER A 154 27.42 2.95 27.05
C SER A 154 28.04 4.30 27.44
N SER A 155 29.09 4.25 28.27
CA SER A 155 29.83 5.47 28.66
C SER A 155 31.27 5.45 28.10
N VAL A 156 31.51 4.68 27.05
CA VAL A 156 32.85 4.55 26.50
C VAL A 156 33.23 5.88 25.86
N ALA A 157 34.36 6.45 26.28
CA ALA A 157 34.68 7.82 25.86
C ALA A 157 35.89 7.83 24.95
N GLU A 158 36.60 6.73 24.86
CA GLU A 158 37.76 6.69 23.99
C GLU A 158 37.48 5.76 22.80
N LEU A 159 37.73 6.28 21.61
CA LEU A 159 37.58 5.53 20.39
C LEU A 159 38.34 4.20 20.46
N HIS A 160 39.55 4.23 21.04
CA HIS A 160 40.40 3.03 21.13
C HIS A 160 39.78 1.96 22.06
N SER A 161 38.76 2.31 22.83
CA SER A 161 38.09 1.29 23.66
C SER A 161 36.73 0.86 23.05
N ALA A 162 36.36 1.46 21.93
CA ALA A 162 34.99 1.39 21.45
C ALA A 162 34.78 0.11 20.64
N SER A 163 33.52 -0.33 20.66
CA SER A 163 33.04 -1.43 19.83
C SER A 163 32.19 -0.87 18.68
N LEU A 164 32.47 -1.30 17.44
CA LEU A 164 31.78 -0.80 16.25
C LEU A 164 31.06 -1.95 15.52
N SER A 165 29.87 -1.69 15.00
CA SER A 165 29.17 -2.64 14.12
C SER A 165 28.71 -1.89 12.86
N PHE A 166 28.95 -2.49 11.69
CA PHE A 166 28.55 -1.88 10.41
C PHE A 166 27.76 -2.93 9.62
N SER A 167 27.58 -2.68 8.31
CA SER A 167 26.94 -3.66 7.44
C SER A 167 28.01 -4.29 6.51
N SER A 168 28.45 -3.58 5.48
CA SER A 168 29.53 -4.08 4.67
C SER A 168 30.41 -2.94 4.19
N LEU A 169 31.50 -3.30 3.52
CA LEU A 169 32.51 -2.33 3.08
C LEU A 169 32.06 -1.68 1.78
N SER A 170 31.34 -2.43 0.96
CA SER A 170 31.16 -2.05 -0.44
C SER A 170 30.48 -0.67 -0.55
N GLY A 171 29.51 -0.36 0.32
CA GLY A 171 28.73 0.88 0.19
C GLY A 171 29.54 2.14 0.51
N TRP A 172 30.70 1.99 1.13
CA TRP A 172 31.51 3.14 1.55
C TRP A 172 32.24 3.85 0.39
N ALA A 173 32.50 3.19 -0.75
CA ALA A 173 33.33 3.87 -1.79
C ALA A 173 32.59 5.05 -2.42
N ARG A 174 31.27 4.96 -2.52
CA ARG A 174 30.47 5.95 -3.28
C ARG A 174 30.67 7.37 -2.74
N PRO A 175 30.52 7.59 -1.40
CA PRO A 175 30.82 8.97 -0.92
C PRO A 175 32.32 9.28 -0.80
N GLY A 176 33.18 8.35 -1.27
CA GLY A 176 34.66 8.44 -1.16
C GLY A 176 35.21 8.19 0.25
N LEU A 177 34.66 7.26 1.05
CA LEU A 177 35.03 7.16 2.44
C LEU A 177 35.63 5.80 2.76
N ARG A 178 35.87 4.95 1.76
CA ARG A 178 36.26 3.57 2.04
C ARG A 178 37.55 3.51 2.89
N GLU A 179 38.56 4.31 2.52
CA GLU A 179 39.86 4.23 3.18
C GLU A 179 39.69 4.76 4.60
N ARG A 180 38.93 5.85 4.74
CA ARG A 180 38.67 6.42 6.06
C ARG A 180 37.89 5.45 6.96
N PHE A 181 36.87 4.78 6.40
CA PHE A 181 36.09 3.84 7.20
C PHE A 181 37.00 2.71 7.71
N ILE A 182 37.81 2.14 6.80
CA ILE A 182 38.69 1.03 7.17
C ILE A 182 39.67 1.50 8.25
N GLY A 183 40.09 2.77 8.17
CA GLY A 183 40.95 3.33 9.20
C GLY A 183 40.26 3.35 10.55
N LEU A 184 38.97 3.70 10.57
CA LEU A 184 38.22 3.71 11.84
C LEU A 184 38.17 2.28 12.39
N THR A 185 37.95 1.28 11.53
CA THR A 185 37.88 -0.10 11.99
C THR A 185 39.23 -0.55 12.58
N ASP A 186 40.34 0.00 12.10
CA ASP A 186 41.68 -0.34 12.65
C ASP A 186 41.90 0.38 13.99
N THR A 187 41.18 1.46 14.25
CA THR A 187 41.41 2.29 15.45
C THR A 187 40.66 1.72 16.67
N VAL A 188 39.45 1.19 16.44
CA VAL A 188 38.61 0.88 17.59
C VAL A 188 39.05 -0.44 18.23
N TRP A 189 38.47 -0.79 19.37
CA TRP A 189 38.80 -2.01 20.11
C TRP A 189 38.21 -3.23 19.41
N ARG A 190 36.96 -3.13 18.95
CA ARG A 190 36.30 -4.34 18.43
C ARG A 190 35.44 -3.95 17.21
N VAL A 191 35.50 -4.78 16.17
CA VAL A 191 34.70 -4.57 14.94
C VAL A 191 33.89 -5.85 14.66
N ARG A 192 32.62 -5.66 14.35
CA ARG A 192 31.73 -6.70 13.82
C ARG A 192 30.83 -6.05 12.76
N ALA A 193 30.07 -6.86 12.02
CA ALA A 193 29.07 -6.31 11.09
C ALA A 193 27.78 -7.13 11.23
N TYR A 194 26.97 -6.80 12.24
CA TYR A 194 25.70 -7.48 12.51
C TYR A 194 24.67 -7.04 11.46
N GLY A 195 24.91 -5.85 10.88
CA GLY A 195 24.18 -5.40 9.72
C GLY A 195 22.82 -4.79 10.05
N ASP A 196 22.39 -3.90 9.15
CA ASP A 196 20.99 -3.38 9.14
C ASP A 196 20.64 -2.73 10.49
N PHE A 197 19.40 -2.93 10.93
CA PHE A 197 18.85 -2.33 12.14
C PHE A 197 19.60 -2.83 13.39
N LEU A 198 20.20 -4.00 13.32
CA LEU A 198 20.67 -4.66 14.54
C LEU A 198 21.87 -3.89 15.12
N SER A 199 22.77 -3.38 14.28
CA SER A 199 23.90 -2.54 14.73
C SER A 199 23.40 -1.39 15.64
N TYR A 200 22.36 -0.68 15.19
CA TYR A 200 21.79 0.50 15.91
C TYR A 200 21.09 0.08 17.20
N CYS A 201 20.35 -1.03 17.20
CA CYS A 201 19.67 -1.52 18.41
C CYS A 201 20.71 -1.88 19.47
N LEU A 202 21.83 -2.45 19.06
CA LEU A 202 22.90 -2.79 20.00
C LEU A 202 23.59 -1.51 20.54
N VAL A 203 23.67 -0.44 19.73
CA VAL A 203 24.13 0.83 20.28
C VAL A 203 23.16 1.28 21.39
N ALA A 204 21.86 1.20 21.13
CA ALA A 204 20.85 1.67 22.14
C ALA A 204 20.94 0.87 23.44
N GLU A 205 21.25 -0.43 23.33
CA GLU A 205 21.37 -1.29 24.50
C GLU A 205 22.69 -1.03 25.24
N GLY A 206 23.64 -0.35 24.61
CA GLY A 206 24.94 -0.10 25.29
C GLY A 206 25.93 -1.24 25.07
N ALA A 207 25.59 -2.19 24.21
CA ALA A 207 26.40 -3.39 23.99
C ALA A 207 27.42 -3.13 22.87
N VAL A 208 27.10 -2.18 21.96
CA VAL A 208 28.02 -1.68 20.94
C VAL A 208 28.08 -0.16 21.11
N ASP A 209 29.13 0.51 20.65
CA ASP A 209 29.32 1.96 20.91
C ASP A 209 29.09 2.80 19.65
N ILE A 210 29.33 2.22 18.47
CA ILE A 210 29.24 2.91 17.18
C ILE A 210 28.53 1.98 16.17
N ALA A 211 27.54 2.54 15.47
CA ALA A 211 26.95 1.86 14.29
C ALA A 211 27.04 2.83 13.10
N ALA A 212 27.42 2.34 11.93
CA ALA A 212 27.52 3.26 10.78
C ALA A 212 27.10 2.56 9.47
N GLU A 213 26.36 3.29 8.65
CA GLU A 213 25.97 2.86 7.31
C GLU A 213 26.03 4.10 6.41
N PRO A 214 26.59 3.94 5.19
CA PRO A 214 26.82 5.08 4.32
C PRO A 214 25.59 5.46 3.48
N GLN A 215 24.59 4.59 3.39
CA GLN A 215 23.40 4.87 2.59
C GLN A 215 22.19 4.19 3.24
N VAL A 216 21.28 5.01 3.78
CA VAL A 216 20.11 4.51 4.50
C VAL A 216 18.95 5.49 4.34
N SER A 217 17.77 4.92 4.07
CA SER A 217 16.56 5.67 3.79
C SER A 217 15.86 6.04 5.10
N VAL A 218 14.94 7.00 5.02
CA VAL A 218 14.16 7.40 6.20
C VAL A 218 13.40 6.20 6.80
N TRP A 219 12.86 5.29 5.97
CA TRP A 219 12.10 4.10 6.48
C TRP A 219 12.98 3.26 7.40
N ASP A 220 14.27 3.25 7.12
CA ASP A 220 15.18 2.35 7.84
C ASP A 220 15.76 3.03 9.09
N LEU A 221 15.52 4.33 9.27
CA LEU A 221 16.19 5.10 10.31
C LEU A 221 15.16 5.65 11.30
N ALA A 222 13.94 5.92 10.86
CA ALA A 222 13.01 6.65 11.73
C ALA A 222 12.82 5.94 13.09
N ALA A 223 12.51 4.65 13.09
CA ALA A 223 12.31 3.96 14.40
C ALA A 223 13.63 3.94 15.20
N LEU A 224 14.73 3.76 14.49
CA LEU A 224 16.03 3.64 15.18
C LEU A 224 16.39 4.98 15.84
N ASP A 225 16.00 6.09 15.22
CA ASP A 225 16.35 7.43 15.71
C ASP A 225 15.77 7.64 17.11
N ILE A 226 14.50 7.35 17.32
CA ILE A 226 13.88 7.58 18.61
C ILE A 226 14.43 6.55 19.63
N VAL A 227 14.69 5.31 19.21
CA VAL A 227 15.21 4.31 20.14
C VAL A 227 16.60 4.75 20.64
N VAL A 228 17.51 5.12 19.72
CA VAL A 228 18.85 5.56 20.12
C VAL A 228 18.77 6.82 21.01
N ARG A 229 17.96 7.79 20.63
CA ARG A 229 17.87 9.03 21.40
CA ARG A 229 17.87 9.03 21.40
C ARG A 229 17.34 8.78 22.81
N GLU A 230 16.28 7.98 22.93
CA GLU A 230 15.68 7.70 24.22
C GLU A 230 16.61 6.87 25.10
N ALA A 231 17.57 6.21 24.46
CA ALA A 231 18.55 5.41 25.23
C ALA A 231 19.72 6.30 25.67
N GLY A 232 19.74 7.55 25.19
CA GLY A 232 20.77 8.49 25.59
C GLY A 232 21.80 8.74 24.50
N GLY A 233 21.63 8.14 23.33
CA GLY A 233 22.65 8.26 22.28
C GLY A 233 22.34 9.35 21.27
N ARG A 234 23.04 9.30 20.14
CA ARG A 234 22.87 10.31 19.08
C ARG A 234 22.90 9.55 17.75
N LEU A 235 22.06 9.96 16.81
CA LEU A 235 22.07 9.38 15.47
C LEU A 235 21.99 10.57 14.50
N THR A 236 22.99 10.65 13.62
CA THR A 236 23.03 11.70 12.66
C THR A 236 23.44 11.07 11.32
N SER A 237 23.31 11.84 10.24
CA SER A 237 23.99 11.47 9.02
C SER A 237 25.50 11.64 9.18
N LEU A 238 26.24 11.25 8.15
CA LEU A 238 27.69 11.40 8.14
C LEU A 238 28.04 12.88 8.13
N ASP A 239 27.19 13.73 7.51
CA ASP A 239 27.43 15.18 7.49
C ASP A 239 26.76 15.86 8.69
N GLY A 240 26.32 15.10 9.68
CA GLY A 240 25.94 15.70 10.97
C GLY A 240 24.49 16.13 11.06
N VAL A 241 23.63 15.73 10.13
CA VAL A 241 22.22 16.14 10.22
C VAL A 241 21.51 15.22 11.23
N ALA A 242 20.85 15.79 12.24
CA ALA A 242 20.25 14.94 13.29
C ALA A 242 19.03 14.26 12.68
N GLY A 243 18.78 13.00 13.06
CA GLY A 243 17.53 12.36 12.67
C GLY A 243 17.66 11.46 11.45
N PRO A 244 16.50 11.03 10.92
CA PRO A 244 16.46 9.96 9.92
C PRO A 244 16.44 10.44 8.47
N HIS A 245 16.52 11.75 8.24
CA HIS A 245 16.28 12.32 6.89
C HIS A 245 17.60 12.62 6.14
N GLY A 246 18.75 12.20 6.64
CA GLY A 246 20.00 12.63 6.05
C GLY A 246 20.61 11.72 4.98
N GLY A 247 20.04 10.54 4.70
CA GLY A 247 20.60 9.67 3.61
C GLY A 247 21.74 8.72 4.06
N SER A 248 22.26 8.84 5.28
CA SER A 248 23.31 7.96 5.82
C SER A 248 23.14 7.96 7.36
N ALA A 249 23.79 7.08 8.14
CA ALA A 249 23.48 7.06 9.55
C ALA A 249 24.71 6.64 10.35
N VAL A 250 25.07 7.48 11.29
CA VAL A 250 26.05 7.12 12.32
C VAL A 250 25.31 7.25 13.67
N ALA A 251 25.29 6.18 14.46
CA ALA A 251 24.71 6.24 15.78
C ALA A 251 25.82 5.91 16.77
N THR A 252 25.87 6.69 17.85
CA THR A 252 26.83 6.41 18.88
C THR A 252 26.14 6.63 20.23
N ASN A 253 26.91 6.40 21.28
CA ASN A 253 26.55 6.66 22.67
C ASN A 253 26.58 8.17 22.97
N GLY A 254 26.85 9.00 21.97
CA GLY A 254 26.90 10.48 22.09
C GLY A 254 28.31 10.98 22.44
N LEU A 255 28.97 10.35 23.42
CA LEU A 255 30.35 10.69 23.75
C LEU A 255 31.28 10.57 22.53
N LEU A 256 31.10 9.56 21.68
CA LEU A 256 32.09 9.27 20.63
C LEU A 256 31.71 10.01 19.34
N HIS A 257 30.54 10.68 19.38
CA HIS A 257 29.94 11.14 18.11
C HIS A 257 30.88 12.04 17.30
N ASP A 258 31.33 13.13 17.92
CA ASP A 258 32.11 14.12 17.19
C ASP A 258 33.43 13.48 16.73
N GLU A 259 34.05 12.65 17.54
CA GLU A 259 35.30 12.03 17.05
C GLU A 259 35.06 11.10 15.86
N VAL A 260 33.93 10.36 15.88
CA VAL A 260 33.65 9.48 14.76
C VAL A 260 33.39 10.34 13.52
N LEU A 261 32.56 11.36 13.61
CA LEU A 261 32.27 12.12 12.39
C LEU A 261 33.56 12.76 11.86
N THR A 262 34.43 13.22 12.75
CA THR A 262 35.69 13.84 12.35
C THR A 262 36.57 12.83 11.63
N ARG A 263 36.71 11.62 12.18
CA ARG A 263 37.53 10.60 11.52
C ARG A 263 36.93 10.24 10.16
N LEU A 264 35.60 10.17 10.06
CA LEU A 264 35.00 9.79 8.76
C LEU A 264 34.95 10.99 7.81
N ASN A 265 35.08 12.23 8.30
CA ASN A 265 34.92 13.47 7.52
C ASN A 265 33.51 14.09 7.66
N ASP B 11 24.34 -41.48 22.36
CA ASP B 11 24.95 -42.03 23.59
C ASP B 11 25.96 -41.02 24.13
N ASP B 12 27.08 -40.81 23.42
CA ASP B 12 27.93 -39.66 23.72
C ASP B 12 27.21 -38.35 23.33
N LEU B 13 26.37 -38.37 22.30
CA LEU B 13 25.63 -37.21 21.89
C LEU B 13 24.63 -36.79 22.98
N MET B 14 23.91 -37.78 23.52
CA MET B 14 22.98 -37.54 24.60
C MET B 14 23.72 -36.93 25.80
N LEU B 15 24.89 -37.45 26.14
CA LEU B 15 25.68 -36.89 27.24
C LEU B 15 26.11 -35.45 26.89
N ALA B 16 26.62 -35.24 25.67
CA ALA B 16 27.05 -33.88 25.24
C ALA B 16 25.89 -32.88 25.38
N LEU B 17 24.69 -33.28 24.97
CA LEU B 17 23.52 -32.39 25.04
C LEU B 17 23.12 -32.11 26.51
N ALA B 18 23.35 -33.09 27.38
CA ALA B 18 23.09 -32.92 28.82
C ALA B 18 24.14 -31.99 29.44
N LEU B 19 25.40 -32.11 29.01
CA LEU B 19 26.44 -31.16 29.45
C LEU B 19 26.06 -29.75 29.01
N ALA B 20 25.53 -29.60 27.81
CA ALA B 20 25.14 -28.27 27.31
C ALA B 20 23.99 -27.70 28.14
N ASP B 21 23.05 -28.57 28.54
CA ASP B 21 21.94 -28.13 29.38
C ASP B 21 22.51 -27.52 30.65
N ARG B 22 23.48 -28.19 31.26
CA ARG B 22 24.06 -27.76 32.53
C ARG B 22 24.90 -26.49 32.32
N ALA B 23 25.68 -26.44 31.24
CA ALA B 23 26.50 -25.24 30.93
C ALA B 23 25.56 -24.04 30.76
N ASP B 24 24.45 -24.23 30.04
CA ASP B 24 23.49 -23.15 29.76
C ASP B 24 22.89 -22.62 31.06
N GLU B 25 22.59 -23.49 32.01
CA GLU B 25 22.00 -23.02 33.29
C GLU B 25 23.00 -22.10 33.97
N LEU B 26 24.29 -22.41 33.90
CA LEU B 26 25.30 -21.60 34.58
C LEU B 26 25.57 -20.30 33.80
N THR B 27 25.72 -20.40 32.48
CA THR B 27 26.07 -19.21 31.70
C THR B 27 24.91 -18.20 31.63
N ARG B 28 23.68 -18.69 31.49
CA ARG B 28 22.51 -17.80 31.46
C ARG B 28 22.49 -16.91 32.71
N VAL B 29 22.71 -17.52 33.87
CA VAL B 29 22.58 -16.79 35.12
C VAL B 29 23.67 -15.71 35.15
N ARG B 30 24.90 -16.08 34.78
CA ARG B 30 26.01 -15.15 34.87
C ARG B 30 25.89 -14.05 33.81
N PHE B 31 25.32 -14.36 32.65
CA PHE B 31 25.11 -13.33 31.59
C PHE B 31 24.08 -12.31 32.08
N GLY B 32 23.02 -12.81 32.71
CA GLY B 32 21.94 -11.96 33.23
C GLY B 32 22.38 -11.07 34.38
N ALA B 33 23.39 -11.50 35.14
CA ALA B 33 23.83 -10.79 36.33
C ALA B 33 24.90 -9.73 36.01
N LEU B 34 25.32 -9.60 34.77
CA LEU B 34 26.40 -8.64 34.45
C LEU B 34 25.88 -7.21 34.63
N ASP B 35 26.73 -6.33 35.13
CA ASP B 35 26.51 -4.88 34.98
C ASP B 35 27.08 -4.46 33.62
N LEU B 36 26.24 -3.97 32.71
CA LEU B 36 26.72 -3.63 31.36
C LEU B 36 27.18 -2.16 31.23
N ARG B 37 27.03 -1.37 32.28
CA ARG B 37 27.60 -0.01 32.29
C ARG B 37 29.13 -0.12 32.18
N ILE B 38 29.74 0.68 31.33
CA ILE B 38 31.15 0.47 30.98
C ILE B 38 31.71 1.80 30.44
N ASP B 39 32.98 2.09 30.67
CA ASP B 39 33.52 3.36 30.15
C ASP B 39 34.91 3.16 29.56
N THR B 40 35.37 1.91 29.52
CA THR B 40 36.67 1.56 28.95
C THR B 40 36.60 0.15 28.33
N LYS B 41 37.73 -0.40 27.94
CA LYS B 41 37.85 -1.82 27.62
C LYS B 41 37.27 -2.68 28.75
N PRO B 42 36.58 -3.79 28.41
CA PRO B 42 35.84 -4.47 29.48
C PRO B 42 36.77 -5.39 30.28
N ASP B 43 36.46 -5.53 31.56
CA ASP B 43 37.17 -6.43 32.44
C ASP B 43 36.62 -7.86 32.23
N LEU B 44 37.47 -8.81 31.86
CA LEU B 44 37.01 -10.18 31.50
C LEU B 44 36.88 -11.09 32.74
N THR B 45 37.06 -10.55 33.93
CA THR B 45 37.06 -11.37 35.17
C THR B 45 35.75 -12.17 35.34
N PRO B 46 34.58 -11.55 35.23
CA PRO B 46 33.35 -12.37 35.32
C PRO B 46 33.22 -13.46 34.26
N VAL B 47 33.83 -13.29 33.09
CA VAL B 47 33.80 -14.34 32.07
C VAL B 47 34.75 -15.47 32.46
N THR B 48 35.95 -15.10 32.90
CA THR B 48 36.90 -16.09 33.40
C THR B 48 36.27 -16.89 34.55
N ASP B 49 35.54 -16.20 35.42
CA ASP B 49 34.87 -16.85 36.57
C ASP B 49 33.82 -17.85 36.06
N ALA B 50 33.01 -17.44 35.09
CA ALA B 50 31.98 -18.31 34.50
C ALA B 50 32.65 -19.49 33.79
N ASP B 51 33.73 -19.23 33.06
CA ASP B 51 34.51 -20.25 32.38
C ASP B 51 34.93 -21.33 33.39
N ARG B 52 35.50 -20.92 34.52
CA ARG B 52 35.94 -21.85 35.59
C ARG B 52 34.75 -22.65 36.16
N ALA B 53 33.60 -21.99 36.39
CA ALA B 53 32.45 -22.71 36.95
C ALA B 53 31.92 -23.76 35.98
N VAL B 54 31.89 -23.46 34.67
CA VAL B 54 31.38 -24.42 33.70
C VAL B 54 32.36 -25.61 33.62
N GLU B 55 33.63 -25.30 33.60
CA GLU B 55 34.63 -26.35 33.44
C GLU B 55 34.54 -27.31 34.62
N SER B 56 34.40 -26.77 35.83
CA SER B 56 34.30 -27.57 37.04
C SER B 56 33.10 -28.52 36.95
N ASP B 57 31.95 -27.99 36.53
CA ASP B 57 30.75 -28.78 36.42
C ASP B 57 30.92 -29.88 35.37
N VAL B 58 31.51 -29.53 34.21
CA VAL B 58 31.73 -30.49 33.12
C VAL B 58 32.63 -31.62 33.62
N ARG B 59 33.73 -31.26 34.28
CA ARG B 59 34.69 -32.25 34.79
C ARG B 59 33.99 -33.20 35.79
N GLN B 60 33.22 -32.64 36.71
CA GLN B 60 32.47 -33.42 37.70
C GLN B 60 31.52 -34.41 37.01
N THR B 61 30.73 -33.95 36.03
CA THR B 61 29.82 -34.88 35.33
C THR B 61 30.61 -35.95 34.57
N LEU B 62 31.68 -35.56 33.87
CA LEU B 62 32.37 -36.53 33.03
C LEU B 62 33.12 -37.54 33.92
N GLY B 63 33.61 -37.09 35.07
CA GLY B 63 34.20 -37.99 36.07
C GLY B 63 33.21 -39.06 36.49
N ARG B 64 31.95 -38.69 36.64
CA ARG B 64 30.89 -39.62 37.05
C ARG B 64 30.49 -40.52 35.86
N ASP B 65 30.20 -39.92 34.70
CA ASP B 65 29.53 -40.65 33.62
C ASP B 65 30.54 -41.24 32.62
N ARG B 66 31.78 -40.75 32.58
CA ARG B 66 32.77 -41.26 31.60
C ARG B 66 34.14 -41.40 32.28
N PRO B 67 34.20 -42.24 33.33
CA PRO B 67 35.52 -42.47 33.94
C PRO B 67 36.59 -42.90 32.91
N GLY B 68 37.73 -42.24 32.94
CA GLY B 68 38.74 -42.62 31.94
C GLY B 68 38.63 -41.88 30.62
N ASP B 69 37.59 -41.06 30.37
CA ASP B 69 37.71 -40.08 29.25
C ASP B 69 38.55 -38.89 29.72
N GLY B 70 39.45 -38.41 28.89
CA GLY B 70 40.19 -37.17 29.22
C GLY B 70 39.30 -35.93 29.05
N VAL B 71 39.72 -34.85 29.71
CA VAL B 71 39.03 -33.54 29.61
C VAL B 71 40.06 -32.43 29.35
N LEU B 72 39.84 -31.67 28.29
CA LEU B 72 40.62 -30.50 27.91
C LEU B 72 39.70 -29.26 27.98
N GLY B 73 40.11 -28.23 28.72
CA GLY B 73 39.34 -26.97 28.77
C GLY B 73 40.16 -25.82 28.19
N GLU B 74 39.50 -24.82 27.60
CA GLU B 74 40.21 -23.76 26.86
C GLU B 74 41.28 -23.15 27.77
N THR B 80 46.34 -30.75 24.50
CA THR B 80 47.73 -30.47 24.07
C THR B 80 48.39 -31.75 23.54
N THR B 81 48.22 -32.90 24.20
CA THR B 81 48.43 -34.18 23.50
C THR B 81 47.06 -34.79 23.22
N PHE B 82 46.80 -35.16 21.97
CA PHE B 82 45.51 -35.79 21.60
C PHE B 82 45.66 -37.32 21.60
N THR B 83 45.03 -37.98 22.56
CA THR B 83 45.09 -39.44 22.63
C THR B 83 43.70 -39.91 23.06
N GLY B 84 43.22 -41.05 22.54
CA GLY B 84 42.04 -41.69 23.14
C GLY B 84 40.77 -40.86 22.98
N ARG B 85 39.79 -41.07 23.86
CA ARG B 85 38.59 -40.26 23.88
C ARG B 85 38.83 -39.03 24.76
N GLN B 86 38.59 -37.83 24.23
CA GLN B 86 38.87 -36.62 24.96
C GLN B 86 37.80 -35.57 24.68
N TRP B 87 37.26 -35.06 25.78
CA TRP B 87 36.25 -34.02 25.73
C TRP B 87 36.94 -32.66 25.72
N ILE B 88 36.48 -31.76 24.88
CA ILE B 88 37.10 -30.45 24.79
C ILE B 88 35.95 -29.46 24.93
N VAL B 89 36.13 -28.48 25.83
CA VAL B 89 35.07 -27.53 26.14
C VAL B 89 35.66 -26.12 26.08
N ASP B 90 34.93 -25.24 25.38
CA ASP B 90 35.11 -23.81 25.54
C ASP B 90 33.80 -23.26 26.13
N PRO B 91 33.81 -22.97 27.44
CA PRO B 91 32.55 -22.65 28.13
C PRO B 91 31.85 -21.41 27.53
N ILE B 92 32.62 -20.41 27.13
CA ILE B 92 32.07 -19.25 26.45
C ILE B 92 33.00 -18.86 25.29
N ASP B 93 32.56 -19.15 24.08
CA ASP B 93 33.21 -18.58 22.91
C ASP B 93 32.45 -17.27 22.57
N GLY B 94 33.17 -16.18 22.29
CA GLY B 94 32.55 -14.87 22.21
C GLY B 94 32.54 -14.21 23.58
N THR B 95 33.63 -14.41 24.34
CA THR B 95 33.77 -13.79 25.66
C THR B 95 33.65 -12.26 25.55
N LYS B 96 34.25 -11.67 24.50
CA LYS B 96 34.18 -10.20 24.31
C LYS B 96 32.75 -9.74 24.04
N ASN B 97 31.88 -10.61 23.52
CA ASN B 97 30.46 -10.27 23.32
C ASN B 97 29.72 -10.45 24.66
N PHE B 98 29.92 -11.59 25.31
CA PHE B 98 29.33 -11.91 26.61
C PHE B 98 29.49 -10.72 27.58
N VAL B 99 30.71 -10.21 27.68
CA VAL B 99 31.03 -9.17 28.67
C VAL B 99 30.35 -7.84 28.30
N ARG B 100 30.04 -7.61 27.03
CA ARG B 100 29.45 -6.34 26.60
C ARG B 100 27.93 -6.47 26.57
N GLY B 101 27.41 -7.68 26.71
CA GLY B 101 25.97 -7.81 26.62
C GLY B 101 25.48 -8.15 25.22
N VAL B 102 26.39 -8.42 24.27
CA VAL B 102 26.03 -8.93 22.92
C VAL B 102 25.76 -10.43 23.06
N PRO B 103 24.60 -10.92 22.57
CA PRO B 103 24.21 -12.31 22.93
C PRO B 103 24.84 -13.39 22.01
N VAL B 104 25.74 -12.99 21.12
CA VAL B 104 26.49 -13.93 20.24
C VAL B 104 27.64 -14.54 21.06
N TRP B 105 27.32 -15.55 21.83
CA TRP B 105 28.32 -16.29 22.58
C TRP B 105 27.76 -17.70 22.74
N ALA B 106 28.62 -18.70 22.94
CA ALA B 106 28.09 -20.04 23.05
C ALA B 106 29.09 -20.91 23.82
N SER B 107 28.57 -21.97 24.46
CA SER B 107 29.42 -23.04 24.92
C SER B 107 29.63 -24.00 23.75
N LEU B 108 30.89 -24.43 23.60
CA LEU B 108 31.29 -25.37 22.57
C LEU B 108 31.82 -26.63 23.29
N ILE B 109 31.17 -27.76 22.99
CA ILE B 109 31.49 -29.04 23.62
C ILE B 109 31.72 -30.04 22.49
N ALA B 110 32.89 -30.70 22.53
CA ALA B 110 33.16 -31.72 21.53
C ALA B 110 33.77 -32.95 22.22
N LEU B 111 33.48 -34.12 21.65
CA LEU B 111 34.27 -35.32 21.94
C LEU B 111 35.17 -35.60 20.73
N LEU B 112 36.48 -35.68 21.03
CA LEU B 112 37.49 -36.09 20.07
C LEU B 112 37.81 -37.58 20.34
N GLU B 113 37.97 -38.32 19.27
CA GLU B 113 38.54 -39.68 19.32
C GLU B 113 39.85 -39.62 18.54
N ASP B 114 40.97 -39.72 19.24
CA ASP B 114 42.28 -39.57 18.58
C ASP B 114 42.33 -38.21 17.87
N GLY B 115 41.76 -37.18 18.51
CA GLY B 115 41.92 -35.78 18.05
C GLY B 115 40.91 -35.40 16.97
N VAL B 116 40.02 -36.33 16.61
CA VAL B 116 39.04 -36.10 15.54
C VAL B 116 37.65 -35.86 16.17
N PRO B 117 37.03 -34.69 15.89
CA PRO B 117 35.71 -34.40 16.50
C PRO B 117 34.71 -35.49 16.06
N SER B 118 34.02 -36.14 16.99
CA SER B 118 33.04 -37.14 16.61
C SER B 118 31.64 -36.77 17.11
N VAL B 119 31.57 -35.89 18.12
CA VAL B 119 30.33 -35.35 18.66
C VAL B 119 30.58 -33.85 18.92
N GLY B 120 29.63 -32.99 18.56
CA GLY B 120 29.80 -31.57 18.79
C GLY B 120 28.48 -30.91 19.19
N VAL B 121 28.53 -29.99 20.17
CA VAL B 121 27.35 -29.19 20.51
C VAL B 121 27.79 -27.73 20.60
N VAL B 122 27.00 -26.86 19.98
CA VAL B 122 27.21 -25.43 20.09
C VAL B 122 25.93 -24.88 20.73
N SER B 123 26.06 -24.33 21.94
CA SER B 123 24.89 -23.96 22.69
C SER B 123 24.94 -22.46 23.00
N ALA B 124 23.97 -21.72 22.43
CA ALA B 124 23.90 -20.25 22.51
C ALA B 124 22.58 -19.83 23.17
N PRO B 125 22.53 -19.87 24.52
CA PRO B 125 21.29 -19.68 25.25
C PRO B 125 20.69 -18.28 25.07
N ALA B 126 21.51 -17.25 24.87
CA ALA B 126 20.95 -15.89 24.68
C ALA B 126 20.50 -15.66 23.23
N LEU B 127 20.82 -16.57 22.30
CA LEU B 127 20.25 -16.54 20.95
C LEU B 127 19.08 -17.52 20.91
N GLN B 128 18.81 -18.16 22.02
CA GLN B 128 17.80 -19.25 22.11
C GLN B 128 18.10 -20.32 21.03
N ARG B 129 19.35 -20.71 20.85
CA ARG B 129 19.69 -21.62 19.73
C ARG B 129 20.71 -22.68 20.18
N ARG B 130 20.60 -23.86 19.59
CA ARG B 130 21.62 -24.91 19.79
C ARG B 130 21.84 -25.61 18.44
N TRP B 131 23.09 -25.95 18.14
CA TRP B 131 23.43 -26.75 16.98
C TRP B 131 24.20 -27.99 17.46
N TRP B 132 23.97 -29.14 16.84
CA TRP B 132 24.76 -30.31 17.24
C TRP B 132 24.92 -31.30 16.09
N ALA B 133 25.86 -32.21 16.28
CA ALA B 133 26.11 -33.26 15.30
C ALA B 133 26.84 -34.42 15.98
N ALA B 134 26.72 -35.60 15.38
CA ALA B 134 27.61 -36.73 15.73
C ALA B 134 27.94 -37.47 14.42
N ARG B 135 29.15 -38.02 14.35
CA ARG B 135 29.61 -38.75 13.16
C ARG B 135 28.55 -39.78 12.75
N GLY B 136 28.19 -39.77 11.46
CA GLY B 136 27.27 -40.71 10.88
C GLY B 136 25.81 -40.43 11.24
N ARG B 137 25.50 -39.38 12.00
CA ARG B 137 24.13 -39.24 12.50
C ARG B 137 23.51 -37.91 12.07
N GLY B 138 24.24 -37.12 11.28
CA GLY B 138 23.73 -35.82 10.78
C GLY B 138 23.94 -34.66 11.75
N ALA B 139 23.64 -33.46 11.27
CA ALA B 139 23.72 -32.24 12.08
C ALA B 139 22.32 -31.66 12.24
N PHE B 140 22.06 -31.00 13.38
CA PHE B 140 20.73 -30.49 13.71
C PHE B 140 20.81 -29.12 14.38
N ALA B 141 19.73 -28.36 14.30
CA ALA B 141 19.61 -27.11 15.06
C ALA B 141 18.21 -27.06 15.71
N SER B 142 18.12 -26.34 16.81
CA SER B 142 16.86 -26.01 17.41
C SER B 142 16.81 -24.51 17.72
N VAL B 143 15.62 -23.92 17.58
CA VAL B 143 15.38 -22.54 17.98
C VAL B 143 14.34 -22.56 19.09
N ASP B 144 14.70 -22.00 20.26
CA ASP B 144 13.90 -22.05 21.51
C ASP B 144 13.25 -23.43 21.70
N ALA B 146 10.63 -25.59 17.96
CA ALA B 146 11.66 -25.97 18.88
C ALA B 146 12.04 -27.46 18.75
N ARG B 147 11.30 -28.24 17.97
CA ARG B 147 11.79 -29.55 17.49
C ARG B 147 13.06 -29.31 16.66
N PRO B 148 14.05 -30.21 16.75
CA PRO B 148 15.25 -30.13 15.91
C PRO B 148 14.92 -30.20 14.41
N HIS B 149 15.70 -29.49 13.59
CA HIS B 149 15.67 -29.67 12.14
C HIS B 149 17.07 -30.10 11.67
N ARG B 150 17.07 -31.01 10.70
CA ARG B 150 18.31 -31.52 10.14
C ARG B 150 18.94 -30.44 9.26
N LEU B 151 20.26 -30.28 9.35
CA LEU B 151 20.97 -29.19 8.62
C LEU B 151 21.57 -29.71 7.33
N SER B 152 21.59 -28.82 6.34
CA SER B 152 22.25 -29.06 5.11
C SER B 152 22.87 -27.76 4.59
N VAL B 153 24.11 -27.81 4.16
CA VAL B 153 24.78 -26.63 3.56
C VAL B 153 24.06 -26.26 2.25
N SER B 154 24.29 -25.06 1.71
CA SER B 154 23.61 -24.59 0.52
C SER B 154 24.20 -25.29 -0.72
N SER B 155 23.66 -24.99 -1.90
CA SER B 155 24.19 -25.52 -3.17
C SER B 155 24.75 -24.40 -4.06
N VAL B 156 25.13 -23.27 -3.44
CA VAL B 156 25.63 -22.14 -4.20
C VAL B 156 26.98 -22.52 -4.83
N ALA B 157 27.12 -22.36 -6.13
CA ALA B 157 28.33 -22.91 -6.79
C ALA B 157 29.22 -21.79 -7.31
N GLU B 158 28.70 -20.57 -7.37
CA GLU B 158 29.51 -19.51 -7.92
C GLU B 158 29.82 -18.49 -6.83
N LEU B 159 31.09 -18.14 -6.73
CA LEU B 159 31.56 -17.19 -5.73
C LEU B 159 30.77 -15.88 -5.79
N HIS B 160 30.48 -15.40 -7.00
CA HIS B 160 29.76 -14.15 -7.22
C HIS B 160 28.31 -14.22 -6.68
N SER B 161 27.81 -15.41 -6.36
CA SER B 161 26.45 -15.55 -5.78
C SER B 161 26.51 -15.82 -4.27
N ALA B 162 27.71 -15.90 -3.72
CA ALA B 162 27.88 -16.47 -2.38
C ALA B 162 27.65 -15.40 -1.30
N SER B 163 27.25 -15.87 -0.14
CA SER B 163 27.15 -15.08 1.09
C SER B 163 28.28 -15.46 2.06
N LEU B 164 29.01 -14.47 2.57
CA LEU B 164 30.16 -14.68 3.43
C LEU B 164 29.93 -14.04 4.82
N SER B 165 30.32 -14.72 5.89
CA SER B 165 30.40 -14.11 7.24
C SER B 165 31.81 -14.31 7.80
N PHE B 166 32.38 -13.25 8.36
CA PHE B 166 33.72 -13.34 8.99
C PHE B 166 33.63 -12.76 10.41
N SER B 167 34.76 -12.45 11.02
CA SER B 167 34.80 -11.80 12.32
C SER B 167 35.28 -10.35 12.16
N SER B 168 36.58 -10.12 11.97
CA SER B 168 37.04 -8.77 11.70
C SER B 168 38.18 -8.79 10.70
N LEU B 169 38.57 -7.59 10.28
CA LEU B 169 39.58 -7.42 9.24
CA LEU B 169 39.58 -7.42 9.25
C LEU B 169 40.96 -7.50 9.89
N SER B 170 41.06 -7.04 11.13
CA SER B 170 42.36 -6.79 11.74
C SER B 170 43.19 -8.07 11.82
N GLY B 171 42.55 -9.22 12.07
CA GLY B 171 43.30 -10.48 12.25
C GLY B 171 43.95 -11.01 10.97
N TRP B 172 43.59 -10.48 9.81
CA TRP B 172 44.10 -10.99 8.52
C TRP B 172 45.54 -10.54 8.26
N PRO B 175 51.28 -6.72 3.71
CA PRO B 175 49.82 -6.57 3.85
C PRO B 175 49.04 -7.49 2.90
N GLY B 176 49.56 -8.69 2.64
CA GLY B 176 49.17 -9.57 1.53
C GLY B 176 47.86 -10.34 1.75
N LEU B 177 47.73 -11.00 2.89
CA LEU B 177 46.51 -11.84 3.11
C LEU B 177 45.30 -10.93 3.36
N ARG B 178 45.55 -9.81 4.03
CA ARG B 178 44.49 -8.81 4.21
C ARG B 178 43.95 -8.32 2.86
N GLU B 179 44.82 -8.05 1.90
CA GLU B 179 44.41 -7.50 0.60
C GLU B 179 43.59 -8.58 -0.13
N ARG B 180 44.05 -9.82 -0.04
CA ARG B 180 43.35 -10.93 -0.68
C ARG B 180 41.99 -11.16 -0.02
N PHE B 181 41.91 -11.10 1.30
CA PHE B 181 40.61 -11.29 1.99
C PHE B 181 39.61 -10.22 1.52
N ILE B 182 40.05 -8.97 1.51
CA ILE B 182 39.19 -7.86 1.15
C ILE B 182 38.74 -8.05 -0.30
N GLY B 183 39.62 -8.61 -1.15
CA GLY B 183 39.25 -8.92 -2.53
C GLY B 183 38.13 -9.94 -2.58
N LEU B 184 38.20 -10.96 -1.72
CA LEU B 184 37.11 -11.97 -1.67
C LEU B 184 35.79 -11.27 -1.29
N THR B 185 35.84 -10.36 -0.30
CA THR B 185 34.63 -9.69 0.15
C THR B 185 34.06 -8.80 -0.98
N ASP B 186 34.90 -8.30 -1.88
CA ASP B 186 34.42 -7.49 -3.04
C ASP B 186 33.79 -8.40 -4.10
N THR B 187 34.15 -9.68 -4.10
CA THR B 187 33.73 -10.60 -5.17
C THR B 187 32.35 -11.20 -4.87
N VAL B 188 32.06 -11.47 -3.60
CA VAL B 188 30.90 -12.28 -3.29
C VAL B 188 29.63 -11.40 -3.36
N TRP B 189 28.47 -12.03 -3.29
CA TRP B 189 27.19 -11.37 -3.34
C TRP B 189 26.92 -10.58 -2.04
N ARG B 190 27.21 -11.19 -0.89
CA ARG B 190 26.80 -10.57 0.38
C ARG B 190 27.89 -10.81 1.43
N VAL B 191 28.20 -9.77 2.19
CA VAL B 191 29.23 -9.81 3.25
C VAL B 191 28.59 -9.31 4.56
N ARG B 192 28.82 -10.06 5.63
CA ARG B 192 28.47 -9.69 7.01
C ARG B 192 29.59 -10.21 7.91
N ALA B 193 29.61 -9.77 9.18
CA ALA B 193 30.57 -10.35 10.13
C ALA B 193 29.85 -10.63 11.47
N TYR B 194 29.12 -11.75 11.53
CA TYR B 194 28.37 -12.15 12.72
C TYR B 194 29.36 -12.65 13.78
N GLY B 195 30.53 -13.09 13.34
CA GLY B 195 31.67 -13.32 14.22
C GLY B 195 31.62 -14.69 14.89
N ASP B 196 32.81 -15.16 15.27
CA ASP B 196 32.97 -16.34 16.16
C ASP B 196 32.27 -17.57 15.56
N PHE B 197 31.67 -18.38 16.43
CA PHE B 197 31.02 -19.64 16.08
C PHE B 197 29.85 -19.38 15.12
N LEU B 198 29.24 -18.20 15.18
CA LEU B 198 27.94 -18.04 14.52
C LEU B 198 28.10 -18.11 13.00
N SER B 199 29.16 -17.52 12.44
CA SER B 199 29.46 -17.61 11.00
C SER B 199 29.41 -19.08 10.53
N TYR B 200 30.08 -19.98 11.27
CA TYR B 200 30.21 -21.41 10.92
C TYR B 200 28.87 -22.15 11.05
N CYS B 201 28.10 -21.86 12.10
CA CYS B 201 26.79 -22.46 12.29
C CYS B 201 25.85 -22.07 11.15
N LEU B 202 25.94 -20.84 10.68
CA LEU B 202 25.11 -20.37 9.55
C LEU B 202 25.54 -21.06 8.25
N VAL B 203 26.84 -21.36 8.10
CA VAL B 203 27.26 -22.18 6.95
C VAL B 203 26.58 -23.56 7.06
N ALA B 204 26.58 -24.18 8.23
CA ALA B 204 26.02 -25.53 8.39
C ALA B 204 24.52 -25.54 8.10
N GLU B 205 23.82 -24.46 8.43
CA GLU B 205 22.38 -24.34 8.17
C GLU B 205 22.12 -24.10 6.69
N GLY B 206 23.11 -23.67 5.92
CA GLY B 206 22.85 -23.34 4.51
C GLY B 206 22.40 -21.89 4.33
N ALA B 207 22.46 -21.10 5.39
CA ALA B 207 21.98 -19.70 5.39
C ALA B 207 23.11 -18.77 4.91
N VAL B 208 24.36 -19.18 5.13
CA VAL B 208 25.55 -18.48 4.64
C VAL B 208 26.38 -19.53 3.88
N ASP B 209 27.27 -19.10 2.98
CA ASP B 209 28.02 -20.04 2.12
C ASP B 209 29.49 -20.20 2.53
N ILE B 210 30.08 -19.14 3.10
CA ILE B 210 31.50 -19.07 3.46
C ILE B 210 31.64 -18.43 4.86
N ALA B 211 32.45 -19.06 5.73
CA ALA B 211 32.87 -18.47 6.98
C ALA B 211 34.41 -18.54 7.06
N ALA B 212 35.07 -17.47 7.55
CA ALA B 212 36.54 -17.54 7.60
C ALA B 212 37.08 -16.77 8.80
N GLU B 213 38.10 -17.36 9.45
CA GLU B 213 38.83 -16.71 10.52
C GLU B 213 40.31 -17.07 10.35
N PRO B 214 41.19 -16.07 10.48
CA PRO B 214 42.61 -16.28 10.17
C PRO B 214 43.39 -16.86 11.37
N GLN B 215 42.86 -16.76 12.58
CA GLN B 215 43.58 -17.22 13.76
C GLN B 215 42.56 -17.78 14.77
N VAL B 216 42.54 -19.09 14.96
CA VAL B 216 41.50 -19.76 15.75
C VAL B 216 42.00 -21.13 16.23
N SER B 217 41.74 -21.37 17.51
CA SER B 217 42.31 -22.52 18.25
C SER B 217 41.41 -23.75 18.07
N VAL B 218 41.92 -24.90 18.43
CA VAL B 218 41.14 -26.14 18.36
C VAL B 218 39.89 -26.04 19.26
N TRP B 219 39.98 -25.40 20.43
CA TRP B 219 38.84 -25.24 21.36
C TRP B 219 37.67 -24.52 20.65
N ASP B 220 37.99 -23.65 19.70
CA ASP B 220 36.95 -22.86 19.05
C ASP B 220 36.39 -23.56 17.80
N LEU B 221 37.01 -24.63 17.35
CA LEU B 221 36.75 -25.23 16.02
C LEU B 221 36.22 -26.66 16.18
N ALA B 222 36.57 -27.34 17.25
CA ALA B 222 36.26 -28.79 17.34
C ALA B 222 34.77 -29.07 17.12
N ALA B 223 33.90 -28.44 17.91
CA ALA B 223 32.45 -28.69 17.75
C ALA B 223 31.98 -28.25 16.35
N LEU B 224 32.53 -27.16 15.85
CA LEU B 224 32.06 -26.61 14.55
C LEU B 224 32.45 -27.59 13.43
N ASP B 225 33.59 -28.26 13.57
CA ASP B 225 34.10 -29.17 12.52
C ASP B 225 33.10 -30.31 12.27
N ILE B 226 32.61 -30.95 13.33
CA ILE B 226 31.69 -32.06 13.14
C ILE B 226 30.32 -31.55 12.65
N VAL B 227 29.88 -30.39 13.15
CA VAL B 227 28.58 -29.84 12.71
C VAL B 227 28.64 -29.53 11.21
N VAL B 228 29.67 -28.83 10.74
CA VAL B 228 29.80 -28.47 9.32
C VAL B 228 29.90 -29.75 8.47
N ARG B 229 30.72 -30.71 8.89
CA ARG B 229 30.90 -31.93 8.08
C ARG B 229 29.59 -32.71 7.97
N GLU B 230 28.89 -32.86 9.08
CA GLU B 230 27.64 -33.63 9.09
C GLU B 230 26.55 -32.89 8.30
N ALA B 231 26.72 -31.58 8.10
CA ALA B 231 25.75 -30.80 7.33
C ALA B 231 26.10 -30.86 5.83
N GLY B 232 27.25 -31.47 5.51
CA GLY B 232 27.61 -31.65 4.11
C GLY B 232 28.73 -30.70 3.67
N GLY B 233 29.25 -29.89 4.58
CA GLY B 233 30.21 -28.89 4.17
C GLY B 233 31.64 -29.33 4.42
N ARG B 234 32.56 -28.37 4.31
CA ARG B 234 33.96 -28.62 4.57
C ARG B 234 34.49 -27.52 5.50
N LEU B 235 35.38 -27.89 6.40
CA LEU B 235 36.08 -26.92 7.22
C LEU B 235 37.55 -27.32 7.21
N THR B 236 38.40 -26.39 6.79
CA THR B 236 39.82 -26.64 6.68
C THR B 236 40.56 -25.42 7.19
N SER B 237 41.85 -25.55 7.42
CA SER B 237 42.68 -24.36 7.58
C SER B 237 42.81 -23.62 6.23
N LEU B 238 43.48 -22.48 6.25
CA LEU B 238 43.72 -21.69 5.08
C LEU B 238 44.55 -22.46 4.04
N ASP B 239 45.37 -23.43 4.45
CA ASP B 239 46.15 -24.19 3.45
C ASP B 239 45.38 -25.41 2.93
N GLY B 240 44.11 -25.57 3.34
CA GLY B 240 43.30 -26.67 2.83
C GLY B 240 43.38 -27.94 3.65
N VAL B 241 44.08 -27.97 4.78
CA VAL B 241 44.11 -29.21 5.59
C VAL B 241 42.82 -29.34 6.41
N ALA B 242 42.16 -30.49 6.30
CA ALA B 242 40.92 -30.80 7.03
C ALA B 242 41.07 -30.64 8.54
N GLY B 243 40.01 -30.11 9.16
CA GLY B 243 39.80 -30.27 10.60
C GLY B 243 40.19 -29.03 11.39
N PRO B 244 40.13 -29.14 12.74
CA PRO B 244 40.19 -28.00 13.65
C PRO B 244 41.60 -27.68 14.17
N HIS B 245 42.64 -28.38 13.67
CA HIS B 245 43.97 -28.31 14.30
C HIS B 245 44.92 -27.36 13.59
N GLY B 246 44.47 -26.63 12.58
CA GLY B 246 45.43 -25.95 11.69
C GLY B 246 45.69 -24.49 12.04
N GLY B 247 45.07 -23.93 13.08
CA GLY B 247 45.38 -22.51 13.47
C GLY B 247 44.51 -21.47 12.77
N SER B 248 43.72 -21.86 11.77
CA SER B 248 42.89 -20.95 10.97
C SER B 248 41.70 -21.77 10.46
N ALA B 249 40.61 -21.17 10.02
CA ALA B 249 39.43 -21.97 9.66
C ALA B 249 38.69 -21.30 8.51
N VAL B 250 38.46 -22.06 7.46
CA VAL B 250 37.56 -21.68 6.37
C VAL B 250 36.50 -22.78 6.30
N ALA B 251 35.23 -22.43 6.43
CA ALA B 251 34.17 -23.39 6.28
C ALA B 251 33.32 -22.94 5.08
N THR B 252 32.93 -23.91 4.25
CA THR B 252 32.08 -23.61 3.14
C THR B 252 31.09 -24.76 2.99
N ASN B 253 30.21 -24.60 2.01
CA ASN B 253 29.27 -25.60 1.56
C ASN B 253 29.98 -26.72 0.77
N GLY B 254 31.31 -26.63 0.62
CA GLY B 254 32.11 -27.65 -0.09
C GLY B 254 32.30 -27.30 -1.55
N LEU B 255 31.22 -26.95 -2.25
CA LEU B 255 31.28 -26.50 -3.65
C LEU B 255 32.24 -25.30 -3.80
N LEU B 256 32.25 -24.35 -2.86
CA LEU B 256 33.01 -23.11 -3.08
C LEU B 256 34.43 -23.25 -2.51
N HIS B 257 34.69 -24.37 -1.85
CA HIS B 257 35.91 -24.46 -1.02
C HIS B 257 37.19 -24.22 -1.82
N ASP B 258 37.39 -24.95 -2.90
CA ASP B 258 38.64 -24.82 -3.67
C ASP B 258 38.78 -23.39 -4.19
N GLU B 259 37.70 -22.80 -4.69
CA GLU B 259 37.86 -21.44 -5.21
C GLU B 259 38.18 -20.44 -4.08
N VAL B 260 37.59 -20.62 -2.90
CA VAL B 260 37.90 -19.73 -1.79
C VAL B 260 39.37 -19.91 -1.40
N LEU B 261 39.83 -21.13 -1.23
CA LEU B 261 41.25 -21.27 -0.78
C LEU B 261 42.19 -20.69 -1.85
N THR B 262 41.85 -20.87 -3.13
CA THR B 262 42.65 -20.34 -4.21
C THR B 262 42.71 -18.81 -4.14
N ARG B 263 41.55 -18.16 -3.97
CA ARG B 263 41.54 -16.70 -3.88
C ARG B 263 42.32 -16.24 -2.66
N LEU B 264 42.21 -16.96 -1.53
CA LEU B 264 42.92 -16.52 -0.32
C LEU B 264 44.40 -16.92 -0.36
N ASN B 265 44.79 -17.85 -1.24
CA ASN B 265 46.18 -18.31 -1.31
C ASN B 265 46.85 -17.79 -2.58
N HIS C 10 -2.79 -16.30 -23.22
CA HIS C 10 -2.90 -15.46 -24.47
C HIS C 10 -3.01 -13.97 -24.13
N ASP C 11 -3.99 -13.29 -24.73
CA ASP C 11 -4.16 -11.86 -24.58
C ASP C 11 -5.07 -11.62 -23.37
N ASP C 12 -4.50 -11.00 -22.34
CA ASP C 12 -5.23 -10.77 -21.11
C ASP C 12 -6.33 -9.70 -21.32
N LEU C 13 -6.07 -8.72 -22.19
CA LEU C 13 -7.04 -7.68 -22.47
C LEU C 13 -8.26 -8.28 -23.16
N MET C 14 -8.00 -9.14 -24.14
CA MET C 14 -9.07 -9.78 -24.87
C MET C 14 -9.91 -10.64 -23.91
N LEU C 15 -9.27 -11.36 -22.99
CA LEU C 15 -10.02 -12.14 -21.98
C LEU C 15 -10.83 -11.18 -21.08
N ALA C 16 -10.20 -10.10 -20.61
CA ALA C 16 -10.91 -9.14 -19.73
C ALA C 16 -12.17 -8.59 -20.44
N LEU C 17 -12.04 -8.25 -21.71
CA LEU C 17 -13.18 -7.72 -22.49
C LEU C 17 -14.27 -8.79 -22.68
N ALA C 18 -13.87 -10.05 -22.78
CA ALA C 18 -14.84 -11.16 -22.90
C ALA C 18 -15.52 -11.41 -21.55
N LEU C 19 -14.80 -11.29 -20.43
CA LEU C 19 -15.43 -11.36 -19.11
C LEU C 19 -16.46 -10.22 -18.98
N ALA C 20 -16.12 -9.04 -19.47
CA ALA C 20 -17.09 -7.90 -19.38
C ALA C 20 -18.33 -8.19 -20.25
N ASP C 21 -18.13 -8.83 -21.41
CA ASP C 21 -19.27 -9.15 -22.27
C ASP C 21 -20.24 -10.06 -21.50
N ARG C 22 -19.69 -11.04 -20.80
CA ARG C 22 -20.51 -12.03 -20.09
C ARG C 22 -21.15 -11.37 -18.86
N ALA C 23 -20.40 -10.51 -18.16
CA ALA C 23 -20.94 -9.80 -16.99
C ALA C 23 -22.11 -8.95 -17.45
N ASP C 24 -21.95 -8.25 -18.57
CA ASP C 24 -22.99 -7.31 -19.09
C ASP C 24 -24.28 -8.09 -19.42
N GLU C 25 -24.14 -9.30 -19.99
CA GLU C 25 -25.35 -10.05 -20.33
C GLU C 25 -26.12 -10.37 -19.04
N LEU C 26 -25.42 -10.67 -17.96
CA LEU C 26 -26.09 -11.03 -16.70
C LEU C 26 -26.61 -9.78 -16.00
N THR C 27 -25.83 -8.70 -15.95
CA THR C 27 -26.30 -7.50 -15.20
C THR C 27 -27.45 -6.80 -15.94
N ARG C 28 -27.43 -6.78 -17.26
CA ARG C 28 -28.56 -6.18 -18.02
C ARG C 28 -29.88 -6.86 -17.63
N VAL C 29 -29.87 -8.18 -17.58
CA VAL C 29 -31.09 -8.94 -17.25
C VAL C 29 -31.55 -8.55 -15.84
N ARG C 30 -30.62 -8.48 -14.88
CA ARG C 30 -30.99 -8.27 -13.50
C ARG C 30 -31.45 -6.83 -13.31
N PHE C 31 -30.83 -5.89 -14.05
CA PHE C 31 -31.21 -4.47 -13.94
C PHE C 31 -32.62 -4.27 -14.49
N GLY C 32 -32.89 -4.92 -15.60
CA GLY C 32 -34.17 -4.81 -16.33
C GLY C 32 -35.30 -5.47 -15.55
N ALA C 33 -34.99 -6.44 -14.70
CA ALA C 33 -36.03 -7.20 -13.98
C ALA C 33 -36.39 -6.53 -12.66
N LEU C 34 -35.75 -5.42 -12.29
CA LEU C 34 -35.93 -4.89 -10.94
C LEU C 34 -37.36 -4.41 -10.72
N ASP C 35 -37.84 -4.62 -9.51
CA ASP C 35 -39.03 -3.92 -8.99
C ASP C 35 -38.57 -2.54 -8.48
N LEU C 36 -39.01 -1.47 -9.12
CA LEU C 36 -38.54 -0.14 -8.80
C LEU C 36 -39.49 0.57 -7.83
N ARG C 37 -40.62 -0.06 -7.48
CA ARG C 37 -41.53 0.56 -6.50
C ARG C 37 -40.79 0.67 -5.17
N ILE C 38 -40.89 1.82 -4.50
CA ILE C 38 -40.11 1.97 -3.28
C ILE C 38 -40.76 3.00 -2.37
N ASP C 39 -40.68 2.81 -1.06
CA ASP C 39 -41.32 3.76 -0.14
C ASP C 39 -40.45 3.98 1.10
N THR C 40 -39.26 3.36 1.10
CA THR C 40 -38.27 3.55 2.17
C THR C 40 -36.87 3.37 1.54
N LYS C 41 -35.84 3.21 2.36
CA LYS C 41 -34.51 2.78 1.87
C LYS C 41 -34.68 1.50 1.05
N PRO C 42 -33.84 1.33 -0.01
CA PRO C 42 -34.09 0.19 -0.91
C PRO C 42 -33.64 -1.14 -0.33
N ASP C 43 -34.33 -2.20 -0.69
CA ASP C 43 -33.91 -3.54 -0.33
C ASP C 43 -32.80 -3.95 -1.31
N LEU C 44 -31.58 -4.18 -0.80
CA LEU C 44 -30.43 -4.42 -1.67
C LEU C 44 -30.38 -5.89 -2.16
N THR C 45 -31.27 -6.76 -1.68
CA THR C 45 -31.15 -8.22 -1.86
C THR C 45 -30.98 -8.63 -3.33
N PRO C 46 -31.87 -8.19 -4.25
CA PRO C 46 -31.68 -8.59 -5.65
C PRO C 46 -30.34 -8.09 -6.25
N VAL C 47 -29.83 -6.96 -5.76
CA VAL C 47 -28.60 -6.43 -6.29
C VAL C 47 -27.42 -7.23 -5.72
N THR C 48 -27.48 -7.52 -4.42
CA THR C 48 -26.46 -8.35 -3.78
C THR C 48 -26.40 -9.68 -4.52
N ASP C 49 -27.59 -10.25 -4.86
CA ASP C 49 -27.65 -11.53 -5.57
C ASP C 49 -26.98 -11.42 -6.93
N ALA C 50 -27.28 -10.36 -7.69
CA ALA C 50 -26.69 -10.14 -9.01
C ALA C 50 -25.17 -9.95 -8.88
N ASP C 51 -24.75 -9.14 -7.90
CA ASP C 51 -23.33 -8.88 -7.60
C ASP C 51 -22.60 -10.23 -7.44
N ARG C 52 -23.16 -11.07 -6.57
CA ARG C 52 -22.52 -12.39 -6.28
C ARG C 52 -22.58 -13.34 -7.49
N ALA C 53 -23.67 -13.31 -8.25
CA ALA C 53 -23.79 -14.18 -9.43
C ALA C 53 -22.75 -13.80 -10.50
N VAL C 54 -22.47 -12.52 -10.70
CA VAL C 54 -21.52 -12.13 -11.70
C VAL C 54 -20.10 -12.54 -11.24
N GLU C 55 -19.82 -12.35 -9.97
CA GLU C 55 -18.51 -12.72 -9.46
C GLU C 55 -18.27 -14.22 -9.68
N SER C 56 -19.28 -15.03 -9.37
CA SER C 56 -19.18 -16.47 -9.51
C SER C 56 -18.89 -16.85 -10.97
N ASP C 57 -19.59 -16.22 -11.90
CA ASP C 57 -19.39 -16.50 -13.32
C ASP C 57 -17.96 -16.10 -13.73
N VAL C 58 -17.49 -14.92 -13.32
CA VAL C 58 -16.14 -14.45 -13.64
C VAL C 58 -15.11 -15.47 -13.10
N ARG C 59 -15.26 -15.88 -11.85
CA ARG C 59 -14.34 -16.84 -11.21
C ARG C 59 -14.31 -18.15 -11.99
N GLN C 60 -15.48 -18.67 -12.36
CA GLN C 60 -15.59 -19.90 -13.15
C GLN C 60 -14.87 -19.76 -14.49
N THR C 61 -15.07 -18.66 -15.23
CA THR C 61 -14.33 -18.46 -16.49
C THR C 61 -12.81 -18.38 -16.24
N LEU C 62 -12.39 -17.63 -15.22
CA LEU C 62 -10.95 -17.44 -15.02
C LEU C 62 -10.31 -18.77 -14.56
N GLY C 63 -11.05 -19.56 -13.77
CA GLY C 63 -10.61 -20.90 -13.40
C GLY C 63 -10.35 -21.75 -14.62
N ARG C 64 -11.19 -21.62 -15.65
CA ARG C 64 -11.04 -22.39 -16.88
C ARG C 64 -9.90 -21.82 -17.74
N ASP C 65 -9.88 -20.49 -17.96
CA ASP C 65 -8.99 -19.90 -18.97
C ASP C 65 -7.66 -19.46 -18.37
N ARG C 66 -7.56 -19.29 -17.05
CA ARG C 66 -6.30 -18.84 -16.43
C ARG C 66 -6.09 -19.63 -15.14
N PRO C 67 -5.93 -20.96 -15.26
CA PRO C 67 -6.03 -21.76 -14.03
C PRO C 67 -4.99 -21.40 -12.95
N GLY C 68 -3.81 -20.89 -13.27
CA GLY C 68 -2.91 -20.53 -12.14
C GLY C 68 -3.16 -19.15 -11.53
N ASP C 69 -4.06 -18.34 -12.09
CA ASP C 69 -4.12 -16.92 -11.69
C ASP C 69 -4.98 -16.80 -10.44
N GLY C 70 -4.56 -15.96 -9.48
CA GLY C 70 -5.42 -15.62 -8.36
C GLY C 70 -6.56 -14.69 -8.77
N VAL C 71 -7.72 -14.80 -8.09
CA VAL C 71 -8.86 -13.93 -8.34
C VAL C 71 -9.36 -13.40 -6.99
N LEU C 72 -9.41 -12.07 -6.90
CA LEU C 72 -9.79 -11.35 -5.68
C LEU C 72 -11.05 -10.55 -6.02
N GLY C 73 -12.15 -10.89 -5.37
CA GLY C 73 -13.45 -10.31 -5.71
C GLY C 73 -14.05 -9.57 -4.55
N GLU C 74 -14.84 -8.54 -4.85
CA GLU C 74 -15.37 -7.69 -3.81
C GLU C 74 -16.38 -8.49 -2.95
N GLU C 75 -17.09 -9.46 -3.55
CA GLU C 75 -18.19 -10.18 -2.89
C GLU C 75 -17.66 -11.45 -2.19
N PHE C 76 -16.71 -12.19 -2.77
CA PHE C 76 -16.29 -13.44 -2.11
C PHE C 76 -14.89 -13.33 -1.50
N GLY C 77 -14.16 -12.25 -1.81
CA GLY C 77 -12.84 -12.08 -1.24
C GLY C 77 -11.78 -12.90 -1.95
N GLY C 78 -10.80 -13.44 -1.18
CA GLY C 78 -9.60 -14.07 -1.74
C GLY C 78 -8.33 -13.46 -1.12
N SER C 79 -7.22 -14.18 -1.20
CA SER C 79 -5.89 -13.64 -0.84
CA SER C 79 -5.88 -13.64 -0.85
C SER C 79 -5.46 -12.62 -1.91
N THR C 80 -4.64 -11.65 -1.52
CA THR C 80 -3.94 -10.84 -2.53
C THR C 80 -2.48 -11.27 -2.62
N THR C 81 -2.01 -11.46 -3.85
CA THR C 81 -0.58 -11.54 -4.14
C THR C 81 -0.12 -10.17 -4.66
N PHE C 82 0.99 -9.68 -4.10
CA PHE C 82 1.57 -8.42 -4.52
C PHE C 82 2.67 -8.65 -5.56
N THR C 83 2.82 -9.89 -5.99
CA THR C 83 3.91 -10.24 -6.90
C THR C 83 3.40 -11.05 -8.11
N GLY C 84 2.45 -11.96 -7.93
CA GLY C 84 2.12 -12.79 -9.11
C GLY C 84 1.14 -12.07 -10.03
N ARG C 85 0.40 -12.87 -10.79
CA ARG C 85 -0.75 -12.39 -11.57
C ARG C 85 -1.98 -12.44 -10.65
N GLN C 86 -2.73 -11.33 -10.58
CA GLN C 86 -3.90 -11.30 -9.71
C GLN C 86 -5.03 -10.55 -10.43
N TRP C 87 -6.16 -11.19 -10.62
CA TRP C 87 -7.37 -10.54 -11.15
C TRP C 87 -8.11 -9.90 -9.97
N ILE C 88 -8.64 -8.70 -10.19
CA ILE C 88 -9.40 -8.04 -9.15
C ILE C 88 -10.71 -7.59 -9.81
N VAL C 89 -11.86 -7.93 -9.20
CA VAL C 89 -13.15 -7.72 -9.82
CA VAL C 89 -13.13 -7.70 -9.82
C VAL C 89 -14.10 -7.06 -8.81
N ASP C 90 -14.82 -6.04 -9.25
CA ASP C 90 -16.04 -5.61 -8.59
C ASP C 90 -17.18 -5.81 -9.61
N PRO C 91 -17.97 -6.90 -9.45
CA PRO C 91 -18.94 -7.24 -10.49
C PRO C 91 -19.96 -6.12 -10.76
N ILE C 92 -20.38 -5.44 -9.69
CA ILE C 92 -21.26 -4.28 -9.83
C ILE C 92 -20.79 -3.20 -8.85
N ASP C 93 -20.18 -2.16 -9.40
CA ASP C 93 -19.90 -0.97 -8.63
C ASP C 93 -21.04 0.01 -8.84
N GLY C 94 -21.55 0.64 -7.80
CA GLY C 94 -22.75 1.53 -7.94
C GLY C 94 -24.05 0.77 -7.67
N THR C 95 -23.97 -0.19 -6.77
CA THR C 95 -25.11 -1.01 -6.30
C THR C 95 -26.29 -0.11 -5.87
N LYS C 96 -25.99 0.96 -5.16
CA LYS C 96 -27.06 1.83 -4.64
C LYS C 96 -27.72 2.62 -5.78
N ASN C 97 -27.04 2.78 -6.93
CA ASN C 97 -27.68 3.34 -8.14
C ASN C 97 -28.54 2.24 -8.82
N PHE C 98 -27.90 1.11 -9.04
CA PHE C 98 -28.51 -0.07 -9.66
C PHE C 98 -29.91 -0.33 -9.06
N VAL C 99 -29.98 -0.40 -7.73
CA VAL C 99 -31.21 -0.78 -7.02
C VAL C 99 -32.32 0.28 -7.19
N ARG C 100 -31.95 1.56 -7.40
CA ARG C 100 -32.99 2.60 -7.53
C ARG C 100 -33.32 2.81 -9.01
N GLY C 101 -32.60 2.17 -9.91
CA GLY C 101 -32.89 2.33 -11.31
C GLY C 101 -32.04 3.41 -11.97
N VAL C 102 -31.06 3.99 -11.25
CA VAL C 102 -30.07 4.95 -11.83
C VAL C 102 -29.02 4.13 -12.59
N PRO C 103 -28.75 4.47 -13.87
CA PRO C 103 -27.93 3.59 -14.71
C PRO C 103 -26.40 3.76 -14.54
N VAL C 104 -25.97 4.57 -13.56
CA VAL C 104 -24.52 4.75 -13.24
C VAL C 104 -24.03 3.58 -12.39
N TRP C 105 -23.69 2.50 -13.04
CA TRP C 105 -23.16 1.32 -12.33
C TRP C 105 -22.28 0.58 -13.35
N ALA C 106 -21.32 -0.24 -12.89
CA ALA C 106 -20.47 -0.89 -13.88
C ALA C 106 -19.78 -2.11 -13.28
N SER C 107 -19.37 -3.04 -14.14
CA SER C 107 -18.42 -4.11 -13.75
C SER C 107 -17.02 -3.56 -13.93
N LEU C 108 -16.17 -3.79 -12.95
CA LEU C 108 -14.79 -3.34 -12.95
C LEU C 108 -13.91 -4.59 -12.87
N ILE C 109 -13.06 -4.79 -13.89
CA ILE C 109 -12.24 -5.99 -14.00
C ILE C 109 -10.80 -5.52 -14.27
N ALA C 110 -9.85 -6.03 -13.50
CA ALA C 110 -8.46 -5.65 -13.66
C ALA C 110 -7.55 -6.87 -13.47
N LEU C 111 -6.40 -6.84 -14.11
CA LEU C 111 -5.32 -7.77 -13.82
C LEU C 111 -4.15 -6.95 -13.25
N LEU C 112 -3.60 -7.37 -12.12
CA LEU C 112 -2.34 -6.88 -11.61
C LEU C 112 -1.25 -7.90 -11.93
N GLU C 113 -0.09 -7.37 -12.31
CA GLU C 113 1.15 -8.13 -12.36
C GLU C 113 2.13 -7.43 -11.42
N ASP C 114 2.71 -8.17 -10.48
CA ASP C 114 3.71 -7.55 -9.58
C ASP C 114 3.07 -6.34 -8.87
N GLY C 115 1.79 -6.42 -8.52
CA GLY C 115 1.11 -5.42 -7.71
C GLY C 115 0.51 -4.28 -8.52
N VAL C 116 0.86 -4.19 -9.79
CA VAL C 116 0.55 -3.02 -10.63
C VAL C 116 -0.55 -3.41 -11.64
N PRO C 117 -1.67 -2.68 -11.66
CA PRO C 117 -2.72 -2.89 -12.69
C PRO C 117 -2.12 -2.84 -14.09
N SER C 118 -2.30 -3.88 -14.91
CA SER C 118 -1.75 -3.92 -16.25
C SER C 118 -2.86 -4.02 -17.32
N VAL C 119 -4.06 -4.43 -16.90
CA VAL C 119 -5.25 -4.53 -17.76
C VAL C 119 -6.44 -4.04 -16.93
N GLY C 120 -7.31 -3.22 -17.52
CA GLY C 120 -8.50 -2.79 -16.80
C GLY C 120 -9.68 -2.60 -17.74
N VAL C 121 -10.88 -2.99 -17.30
CA VAL C 121 -12.10 -2.78 -18.09
C VAL C 121 -13.17 -2.25 -17.14
N VAL C 122 -13.86 -1.20 -17.57
CA VAL C 122 -14.96 -0.64 -16.83
C VAL C 122 -16.16 -0.74 -17.78
N SER C 123 -17.14 -1.55 -17.40
CA SER C 123 -18.24 -1.84 -18.34
C SER C 123 -19.56 -1.40 -17.72
N ALA C 124 -20.19 -0.41 -18.36
CA ALA C 124 -21.45 0.20 -17.87
C ALA C 124 -22.53 0.02 -18.94
N PRO C 125 -23.17 -1.17 -18.97
CA PRO C 125 -24.12 -1.49 -20.06
C PRO C 125 -25.36 -0.60 -20.06
N ALA C 126 -25.80 -0.06 -18.92
CA ALA C 126 -26.99 0.81 -18.95
C ALA C 126 -26.61 2.25 -19.32
N LEU C 127 -25.31 2.60 -19.38
CA LEU C 127 -24.88 3.87 -19.94
C LEU C 127 -24.45 3.63 -21.40
N GLN C 128 -24.58 2.39 -21.85
CA GLN C 128 -24.11 1.98 -23.19
C GLN C 128 -22.61 2.31 -23.33
N ARG C 129 -21.80 2.08 -22.31
CA ARG C 129 -20.37 2.59 -22.37
C ARG C 129 -19.40 1.55 -21.81
N ARG C 130 -18.19 1.52 -22.37
CA ARG C 130 -17.11 0.71 -21.83
C ARG C 130 -15.81 1.54 -21.93
N TRP C 131 -14.97 1.45 -20.91
CA TRP C 131 -13.65 2.02 -20.94
C TRP C 131 -12.62 0.90 -20.68
N TRP C 132 -11.48 0.93 -21.36
CA TRP C 132 -10.49 -0.09 -21.04
C TRP C 132 -9.07 0.41 -21.36
N ALA C 133 -8.09 -0.32 -20.83
CA ALA C 133 -6.71 0.01 -21.01
C ALA C 133 -5.85 -1.23 -20.73
N ALA C 134 -4.67 -1.20 -21.36
CA ALA C 134 -3.66 -2.21 -21.06
C ALA C 134 -2.29 -1.52 -21.11
N ARG C 135 -1.36 -1.94 -20.23
CA ARG C 135 -0.06 -1.31 -20.11
C ARG C 135 0.59 -1.23 -21.50
N GLY C 136 1.10 -0.04 -21.83
CA GLY C 136 1.80 0.19 -23.07
C GLY C 136 0.89 0.28 -24.29
N ARG C 137 -0.44 0.16 -24.14
CA ARG C 137 -1.26 0.04 -25.33
C ARG C 137 -2.33 1.14 -25.39
N GLY C 138 -2.32 2.04 -24.41
CA GLY C 138 -3.28 3.15 -24.38
C GLY C 138 -4.61 2.80 -23.71
N ALA C 139 -5.45 3.81 -23.52
CA ALA C 139 -6.77 3.66 -22.95
C ALA C 139 -7.80 4.02 -24.04
N PHE C 140 -8.98 3.39 -23.97
CA PHE C 140 -10.01 3.55 -24.98
C PHE C 140 -11.39 3.62 -24.34
N ALA C 141 -12.34 4.23 -25.06
CA ALA C 141 -13.73 4.16 -24.67
C ALA C 141 -14.59 3.85 -25.90
N SER C 142 -15.70 3.16 -25.69
CA SER C 142 -16.69 3.02 -26.74
C SER C 142 -18.08 3.35 -26.18
N VAL C 143 -18.89 3.94 -27.05
CA VAL C 143 -20.27 4.29 -26.77
C VAL C 143 -21.14 3.45 -27.71
N ASP C 144 -22.10 2.72 -27.12
CA ASP C 144 -22.87 1.65 -27.81
C ASP C 144 -21.92 0.79 -28.65
N GLY C 145 -22.20 0.71 -29.95
CA GLY C 145 -21.43 -0.13 -30.83
C GLY C 145 -20.42 0.66 -31.65
N ALA C 146 -20.19 1.94 -31.34
CA ALA C 146 -19.31 2.73 -32.20
C ALA C 146 -17.88 2.23 -32.02
N ARG C 147 -17.02 2.58 -32.97
CA ARG C 147 -15.60 2.27 -32.87
C ARG C 147 -15.05 2.94 -31.59
N PRO C 148 -14.10 2.28 -30.90
CA PRO C 148 -13.38 2.88 -29.77
C PRO C 148 -12.67 4.18 -30.17
N HIS C 149 -12.56 5.12 -29.21
CA HIS C 149 -11.69 6.27 -29.32
C HIS C 149 -10.59 6.17 -28.27
N ARG C 150 -9.38 6.55 -28.66
CA ARG C 150 -8.24 6.56 -27.76
C ARG C 150 -8.42 7.74 -26.79
N LEU C 151 -8.11 7.52 -25.52
CA LEU C 151 -8.38 8.54 -24.49
C LEU C 151 -7.12 9.33 -24.17
N SER C 152 -7.35 10.60 -23.83
CA SER C 152 -6.31 11.46 -23.36
C SER C 152 -6.86 12.40 -22.28
N VAL C 153 -6.15 12.55 -21.18
CA VAL C 153 -6.55 13.50 -20.13
C VAL C 153 -6.42 14.92 -20.66
N SER C 154 -7.02 15.91 -19.99
CA SER C 154 -7.00 17.28 -20.47
C SER C 154 -5.62 17.91 -20.23
N SER C 155 -5.46 19.16 -20.68
CA SER C 155 -4.23 19.94 -20.45
C SER C 155 -4.49 21.13 -19.51
N VAL C 156 -5.56 21.10 -18.73
CA VAL C 156 -5.90 22.21 -17.87
C VAL C 156 -4.85 22.33 -16.77
N ALA C 157 -4.25 23.50 -16.63
CA ALA C 157 -3.08 23.60 -15.72
C ALA C 157 -3.42 24.49 -14.52
N GLU C 158 -4.51 25.17 -14.57
CA GLU C 158 -4.88 26.04 -13.44
C GLU C 158 -6.12 25.46 -12.75
N LEU C 159 -6.02 25.32 -11.44
CA LEU C 159 -7.11 24.86 -10.61
C LEU C 159 -8.38 25.68 -10.87
N HIS C 160 -8.25 27.00 -11.03
CA HIS C 160 -9.41 27.88 -11.22
C HIS C 160 -10.07 27.64 -12.59
N SER C 161 -9.45 26.87 -13.46
CA SER C 161 -10.12 26.51 -14.74
C SER C 161 -10.65 25.06 -14.72
N ALA C 162 -10.41 24.35 -13.62
CA ALA C 162 -10.58 22.91 -13.61
C ALA C 162 -12.05 22.53 -13.35
N SER C 163 -12.41 21.37 -13.90
CA SER C 163 -13.65 20.70 -13.62
C SER C 163 -13.43 19.52 -12.65
N LEU C 164 -14.25 19.43 -11.60
CA LEU C 164 -14.12 18.41 -10.56
C LEU C 164 -15.41 17.56 -10.49
N SER C 165 -15.25 16.25 -10.30
CA SER C 165 -16.40 15.36 -10.00
C SER C 165 -16.05 14.52 -8.77
N PHE C 166 -17.00 14.40 -7.85
CA PHE C 166 -16.82 13.60 -6.63
C PHE C 166 -18.03 12.65 -6.48
N SER C 167 -18.18 12.08 -5.28
CA SER C 167 -19.37 11.28 -5.00
C SER C 167 -20.29 12.04 -4.01
N SER C 168 -19.91 12.12 -2.74
CA SER C 168 -20.72 12.93 -1.82
C SER C 168 -19.82 13.56 -0.76
N LEU C 169 -20.42 14.42 0.05
CA LEU C 169 -19.71 15.18 1.05
C LEU C 169 -19.46 14.32 2.28
N SER C 170 -20.38 13.42 2.56
CA SER C 170 -20.45 12.81 3.89
C SER C 170 -19.16 12.06 4.24
N GLY C 171 -18.53 11.40 3.27
CA GLY C 171 -17.35 10.56 3.57
C GLY C 171 -16.10 11.36 3.89
N TRP C 172 -16.12 12.68 3.64
CA TRP C 172 -14.94 13.50 3.84
C TRP C 172 -14.65 13.81 5.33
N ALA C 173 -15.64 13.76 6.23
CA ALA C 173 -15.37 14.17 7.63
C ALA C 173 -14.39 13.22 8.33
N ARG C 174 -14.43 11.93 8.01
CA ARG C 174 -13.72 10.89 8.77
C ARG C 174 -12.21 11.17 8.79
N PRO C 175 -11.56 11.39 7.60
CA PRO C 175 -10.13 11.75 7.68
C PRO C 175 -9.86 13.20 8.10
N GLY C 176 -10.91 13.93 8.48
CA GLY C 176 -10.85 15.37 8.86
C GLY C 176 -10.69 16.32 7.67
N LEU C 177 -11.30 16.09 6.50
CA LEU C 177 -10.98 16.85 5.32
C LEU C 177 -12.22 17.59 4.79
N ARG C 178 -13.32 17.59 5.52
CA ARG C 178 -14.57 18.10 4.94
C ARG C 178 -14.45 19.57 4.55
N GLU C 179 -13.90 20.40 5.45
CA GLU C 179 -13.84 21.83 5.20
C GLU C 179 -12.87 22.06 4.04
N ARG C 180 -11.77 21.31 4.02
CA ARG C 180 -10.77 21.46 2.95
C ARG C 180 -11.37 21.03 1.60
N PHE C 181 -12.12 19.94 1.57
CA PHE C 181 -12.73 19.50 0.31
C PHE C 181 -13.70 20.57 -0.20
N ILE C 182 -14.56 21.08 0.68
CA ILE C 182 -15.55 22.12 0.29
C ILE C 182 -14.80 23.35 -0.23
N GLY C 183 -13.64 23.64 0.35
CA GLY C 183 -12.83 24.75 -0.14
C GLY C 183 -12.35 24.49 -1.57
N LEU C 184 -11.96 23.24 -1.87
CA LEU C 184 -11.52 22.91 -3.23
C LEU C 184 -12.69 23.12 -4.20
N THR C 185 -13.91 22.69 -3.79
CA THR C 185 -15.07 22.86 -4.64
C THR C 185 -15.37 24.35 -4.91
N ASP C 186 -15.03 25.24 -3.97
CA ASP C 186 -15.23 26.70 -4.15
C ASP C 186 -14.15 27.28 -5.09
N THR C 187 -13.02 26.61 -5.22
CA THR C 187 -11.87 27.14 -5.96
C THR C 187 -11.99 26.84 -7.45
N VAL C 188 -12.49 25.66 -7.80
CA VAL C 188 -12.41 25.21 -9.18
C VAL C 188 -13.49 25.90 -10.03
N TRP C 189 -13.43 25.72 -11.35
CA TRP C 189 -14.38 26.31 -12.28
C TRP C 189 -15.74 25.61 -12.19
N ARG C 190 -15.73 24.28 -12.14
CA ARG C 190 -17.00 23.54 -12.27
C ARG C 190 -16.98 22.34 -11.32
N VAL C 191 -18.09 22.13 -10.62
CA VAL C 191 -18.25 21.00 -9.68
C VAL C 191 -19.51 20.20 -10.06
N ARG C 192 -19.37 18.89 -10.11
CA ARG C 192 -20.48 17.94 -10.24
C ARG C 192 -20.14 16.73 -9.35
N ALA C 193 -21.10 15.82 -9.16
CA ALA C 193 -20.82 14.57 -8.45
C ALA C 193 -21.51 13.42 -9.19
N TYR C 194 -20.86 12.94 -10.26
CA TYR C 194 -21.37 11.87 -11.10
C TYR C 194 -21.22 10.55 -10.34
N GLY C 195 -20.27 10.52 -9.39
CA GLY C 195 -20.17 9.45 -8.42
C GLY C 195 -19.40 8.24 -8.95
N ASP C 196 -18.81 7.51 -8.00
CA ASP C 196 -18.30 6.14 -8.25
C ASP C 196 -17.24 6.17 -9.37
N PHE C 197 -17.23 5.14 -10.19
CA PHE C 197 -16.25 4.95 -11.27
C PHE C 197 -16.39 6.06 -12.32
N LEU C 198 -17.55 6.66 -12.44
CA LEU C 198 -17.80 7.53 -13.60
C LEU C 198 -16.95 8.81 -13.51
N SER C 199 -16.75 9.37 -12.32
CA SER C 199 -15.88 10.54 -12.11
C SER C 199 -14.48 10.28 -12.73
N TYR C 200 -13.91 9.13 -12.42
CA TYR C 200 -12.54 8.74 -12.85
C TYR C 200 -12.49 8.48 -14.36
N CYS C 201 -13.53 7.84 -14.93
CA CYS C 201 -13.58 7.58 -16.38
C CYS C 201 -13.62 8.90 -17.15
N LEU C 202 -14.33 9.89 -16.61
CA LEU C 202 -14.42 11.20 -17.25
C LEU C 202 -13.06 11.93 -17.14
N VAL C 203 -12.31 11.71 -16.05
CA VAL C 203 -10.94 12.25 -16.00
C VAL C 203 -10.13 11.62 -17.15
N ALA C 204 -10.23 10.31 -17.34
CA ALA C 204 -9.41 9.63 -18.37
C ALA C 204 -9.76 10.12 -19.78
N GLU C 205 -11.04 10.45 -20.01
CA GLU C 205 -11.49 10.96 -21.30
C GLU C 205 -11.07 12.43 -21.48
N GLY C 206 -10.67 13.12 -20.42
CA GLY C 206 -10.29 14.53 -20.56
C GLY C 206 -11.48 15.48 -20.43
N ALA C 207 -12.64 14.95 -20.06
CA ALA C 207 -13.88 15.72 -19.98
C ALA C 207 -14.02 16.34 -18.58
N VAL C 208 -13.41 15.72 -17.58
CA VAL C 208 -13.30 16.28 -16.22
C VAL C 208 -11.80 16.32 -15.87
N ASP C 209 -11.37 17.15 -14.92
CA ASP C 209 -9.93 17.33 -14.66
C ASP C 209 -9.51 16.68 -13.33
N ILE C 210 -10.43 16.58 -12.35
CA ILE C 210 -10.16 16.06 -11.02
C ILE C 210 -11.33 15.12 -10.61
N ALA C 211 -10.98 13.94 -10.11
CA ALA C 211 -11.97 13.07 -9.45
C ALA C 211 -11.45 12.72 -8.06
N ALA C 212 -12.30 12.76 -7.03
CA ALA C 212 -11.78 12.47 -5.67
C ALA C 212 -12.82 11.71 -4.83
N GLU C 213 -12.36 10.73 -4.06
CA GLU C 213 -13.17 9.96 -3.13
C GLU C 213 -12.29 9.66 -1.91
N PRO C 214 -12.85 9.84 -0.70
CA PRO C 214 -12.03 9.75 0.51
C PRO C 214 -11.86 8.31 1.02
N GLN C 215 -12.70 7.38 0.55
CA GLN C 215 -12.58 5.96 0.98
C GLN C 215 -12.96 5.07 -0.20
N VAL C 216 -11.98 4.33 -0.73
CA VAL C 216 -12.18 3.44 -1.86
C VAL C 216 -11.26 2.23 -1.77
N SER C 217 -11.84 1.05 -2.03
CA SER C 217 -11.17 -0.24 -1.92
C SER C 217 -10.39 -0.54 -3.21
N VAL C 218 -9.49 -1.49 -3.13
CA VAL C 218 -8.69 -1.88 -4.29
C VAL C 218 -9.60 -2.36 -5.44
N TRP C 219 -10.70 -3.09 -5.11
CA TRP C 219 -11.64 -3.57 -6.16
C TRP C 219 -12.19 -2.41 -6.98
N ASP C 220 -12.33 -1.26 -6.36
CA ASP C 220 -13.00 -0.12 -7.01
C ASP C 220 -12.00 0.75 -7.77
N LEU C 221 -10.70 0.52 -7.58
CA LEU C 221 -9.67 1.44 -8.08
C LEU C 221 -8.78 0.74 -9.11
N ALA C 222 -8.62 -0.58 -9.02
CA ALA C 222 -7.59 -1.23 -9.86
C ALA C 222 -7.84 -0.94 -11.35
N ALA C 223 -9.05 -1.19 -11.86
CA ALA C 223 -9.32 -0.95 -13.28
C ALA C 223 -9.17 0.55 -13.61
N LEU C 224 -9.61 1.39 -12.69
CA LEU C 224 -9.56 2.85 -12.96
C LEU C 224 -8.10 3.33 -13.05
N ASP C 225 -7.21 2.71 -12.27
CA ASP C 225 -5.80 3.12 -12.20
C ASP C 225 -5.14 2.96 -13.57
N ILE C 226 -5.31 1.82 -14.23
CA ILE C 226 -4.66 1.61 -15.52
C ILE C 226 -5.32 2.50 -16.58
N VAL C 227 -6.64 2.70 -16.51
CA VAL C 227 -7.33 3.52 -17.50
C VAL C 227 -6.81 4.97 -17.39
N VAL C 228 -6.74 5.54 -16.16
CA VAL C 228 -6.27 6.90 -15.98
C VAL C 228 -4.80 7.03 -16.44
N ARG C 229 -3.97 6.09 -16.02
CA ARG C 229 -2.54 6.17 -16.34
C ARG C 229 -2.31 6.08 -17.86
N GLU C 230 -2.98 5.16 -18.54
CA GLU C 230 -2.79 4.98 -19.98
C GLU C 230 -3.37 6.19 -20.72
N ALA C 231 -4.24 6.95 -20.08
CA ALA C 231 -4.80 8.17 -20.72
C ALA C 231 -3.86 9.36 -20.47
N GLY C 232 -2.85 9.17 -19.64
CA GLY C 232 -1.86 10.22 -19.41
C GLY C 232 -2.01 10.87 -18.04
N GLY C 233 -2.94 10.39 -17.22
CA GLY C 233 -3.17 11.06 -15.94
C GLY C 233 -2.46 10.39 -14.78
N ARG C 234 -2.88 10.75 -13.57
CA ARG C 234 -2.28 10.21 -12.37
C ARG C 234 -3.41 9.85 -11.39
N LEU C 235 -3.26 8.76 -10.66
CA LEU C 235 -4.24 8.38 -9.65
C LEU C 235 -3.42 7.93 -8.44
N THR C 236 -3.67 8.59 -7.31
CA THR C 236 -2.97 8.30 -6.08
C THR C 236 -4.00 8.32 -4.96
N SER C 237 -3.62 7.83 -3.79
CA SER C 237 -4.36 8.11 -2.60
C SER C 237 -4.22 9.59 -2.22
N LEU C 238 -4.97 9.99 -1.19
CA LEU C 238 -4.91 11.36 -0.70
C LEU C 238 -3.53 11.63 -0.12
N ASP C 239 -2.88 10.61 0.45
CA ASP C 239 -1.53 10.74 1.00
C ASP C 239 -0.48 10.43 -0.06
N GLY C 240 -0.86 10.35 -1.32
CA GLY C 240 0.12 10.35 -2.42
C GLY C 240 0.65 8.96 -2.79
N VAL C 241 0.03 7.89 -2.34
CA VAL C 241 0.50 6.55 -2.75
C VAL C 241 -0.01 6.24 -4.17
N ALA C 242 0.88 5.90 -5.09
CA ALA C 242 0.46 5.70 -6.50
C ALA C 242 -0.32 4.39 -6.56
N GLY C 243 -1.39 4.34 -7.34
CA GLY C 243 -2.07 3.07 -7.58
C GLY C 243 -3.30 2.85 -6.69
N PRO C 244 -3.82 1.61 -6.69
CA PRO C 244 -5.16 1.34 -6.15
C PRO C 244 -5.17 0.83 -4.70
N HIS C 245 -3.99 0.76 -4.06
CA HIS C 245 -3.86 0.10 -2.76
C HIS C 245 -3.83 1.10 -1.59
N GLY C 246 -4.15 2.37 -1.81
CA GLY C 246 -3.95 3.35 -0.72
C GLY C 246 -5.19 3.63 0.12
N GLY C 247 -6.37 3.06 -0.18
CA GLY C 247 -7.59 3.34 0.67
C GLY C 247 -8.40 4.60 0.30
N SER C 248 -7.92 5.44 -0.61
CA SER C 248 -8.65 6.69 -1.03
C SER C 248 -8.17 7.01 -2.46
N ALA C 249 -8.80 7.90 -3.23
CA ALA C 249 -8.35 8.05 -4.61
C ALA C 249 -8.56 9.50 -5.07
N VAL C 250 -7.46 10.08 -5.56
CA VAL C 250 -7.55 11.33 -6.33
C VAL C 250 -6.97 11.02 -7.73
N ALA C 251 -7.75 11.29 -8.77
CA ALA C 251 -7.24 11.15 -10.11
C ALA C 251 -7.29 12.53 -10.76
N THR C 252 -6.22 12.85 -11.49
CA THR C 252 -6.21 14.10 -12.21
C THR C 252 -5.55 13.84 -13.57
N ASN C 253 -5.49 14.90 -14.36
CA ASN C 253 -4.81 14.97 -15.62
C ASN C 253 -3.28 15.03 -15.43
N GLY C 254 -2.80 14.94 -14.18
CA GLY C 254 -1.36 14.94 -13.84
C GLY C 254 -0.86 16.36 -13.54
N LEU C 255 -1.20 17.33 -14.40
CA LEU C 255 -0.84 18.72 -14.19
C LEU C 255 -1.37 19.23 -12.85
N LEU C 256 -2.59 18.86 -12.45
CA LEU C 256 -3.24 19.48 -11.29
C LEU C 256 -2.91 18.69 -10.01
N HIS C 257 -2.19 17.58 -10.19
CA HIS C 257 -2.12 16.59 -9.10
C HIS C 257 -1.57 17.18 -7.79
N ASP C 258 -0.36 17.76 -7.89
CA ASP C 258 0.29 18.23 -6.67
C ASP C 258 -0.52 19.37 -6.05
N GLU C 259 -1.10 20.25 -6.85
CA GLU C 259 -1.88 21.32 -6.20
C GLU C 259 -3.12 20.76 -5.50
N VAL C 260 -3.77 19.75 -6.09
CA VAL C 260 -4.93 19.20 -5.44
C VAL C 260 -4.50 18.51 -4.15
N LEU C 261 -3.46 17.69 -4.17
CA LEU C 261 -3.12 17.00 -2.91
C LEU C 261 -2.74 18.02 -1.84
N THR C 262 -2.05 19.10 -2.25
CA THR C 262 -1.65 20.13 -1.28
C THR C 262 -2.89 20.80 -0.68
N ARG C 263 -3.86 21.17 -1.50
CA ARG C 263 -5.07 21.80 -0.98
C ARG C 263 -5.81 20.83 -0.06
N LEU C 264 -5.84 19.54 -0.39
CA LEU C 264 -6.57 18.60 0.46
C LEU C 264 -5.76 18.20 1.71
N ASN C 265 -4.42 18.41 1.69
CA ASN C 265 -3.49 17.95 2.72
C ASN C 265 -2.83 16.61 2.34
N HIS D 10 -53.09 17.30 -35.73
CA HIS D 10 -52.92 18.53 -34.88
C HIS D 10 -52.32 18.16 -33.51
N ASP D 11 -51.47 17.14 -33.50
CA ASP D 11 -50.87 16.64 -32.26
C ASP D 11 -49.58 17.41 -31.96
N ASP D 12 -49.61 18.20 -30.91
CA ASP D 12 -48.48 19.05 -30.56
C ASP D 12 -47.34 18.17 -30.01
N LEU D 13 -47.65 17.06 -29.35
CA LEU D 13 -46.61 16.18 -28.83
C LEU D 13 -45.84 15.52 -29.97
N MET D 14 -46.58 15.06 -30.98
CA MET D 14 -45.97 14.45 -32.16
C MET D 14 -45.06 15.49 -32.84
N LEU D 15 -45.51 16.75 -32.95
CA LEU D 15 -44.66 17.78 -33.53
C LEU D 15 -43.41 18.02 -32.65
N ALA D 16 -43.61 18.13 -31.34
CA ALA D 16 -42.48 18.35 -30.39
C ALA D 16 -41.44 17.23 -30.55
N LEU D 17 -41.90 15.99 -30.65
CA LEU D 17 -40.98 14.84 -30.78
C LEU D 17 -40.26 14.86 -32.13
N ALA D 18 -40.92 15.38 -33.17
CA ALA D 18 -40.28 15.53 -34.48
C ALA D 18 -39.24 16.66 -34.44
N LEU D 19 -39.54 17.74 -33.73
CA LEU D 19 -38.53 18.80 -33.54
C LEU D 19 -37.31 18.22 -32.80
N ALA D 20 -37.55 17.38 -31.80
CA ALA D 20 -36.42 16.78 -31.04
C ALA D 20 -35.60 15.87 -31.94
N ASP D 21 -36.27 15.13 -32.84
CA ASP D 21 -35.55 14.27 -33.78
C ASP D 21 -34.56 15.12 -34.59
N ARG D 22 -35.03 16.26 -35.08
CA ARG D 22 -34.22 17.11 -35.92
C ARG D 22 -33.13 17.80 -35.11
N ALA D 23 -33.46 18.25 -33.90
CA ALA D 23 -32.46 18.89 -33.01
C ALA D 23 -31.34 17.89 -32.74
N ASP D 24 -31.71 16.63 -32.44
CA ASP D 24 -30.73 15.59 -32.11
C ASP D 24 -29.78 15.33 -33.27
N GLU D 25 -30.29 15.34 -34.50
CA GLU D 25 -29.42 15.10 -35.66
C GLU D 25 -28.37 16.22 -35.75
N LEU D 26 -28.76 17.44 -35.42
CA LEU D 26 -27.82 18.56 -35.53
C LEU D 26 -26.85 18.57 -34.34
N THR D 27 -27.36 18.36 -33.13
CA THR D 27 -26.47 18.43 -31.95
C THR D 27 -25.50 17.24 -31.91
N ARG D 28 -25.95 16.05 -32.28
CA ARG D 28 -25.05 14.86 -32.30
C ARG D 28 -23.82 15.15 -33.18
N VAL D 29 -24.05 15.74 -34.36
CA VAL D 29 -22.96 15.95 -35.28
C VAL D 29 -21.98 16.95 -34.68
N ARG D 30 -22.49 18.02 -34.06
CA ARG D 30 -21.64 19.07 -33.53
C ARG D 30 -20.91 18.56 -32.28
N PHE D 31 -21.55 17.69 -31.50
CA PHE D 31 -20.91 17.15 -30.27
C PHE D 31 -19.74 16.24 -30.68
N GLY D 32 -19.97 15.43 -31.72
CA GLY D 32 -18.98 14.47 -32.22
C GLY D 32 -17.80 15.16 -32.88
N ALA D 33 -18.01 16.37 -33.41
CA ALA D 33 -16.97 17.07 -34.16
C ALA D 33 -16.08 17.93 -33.24
N LEU D 34 -16.38 17.99 -31.95
CA LEU D 34 -15.66 18.94 -31.09
C LEU D 34 -14.18 18.52 -30.97
N ASP D 35 -13.32 19.53 -30.91
CA ASP D 35 -11.96 19.35 -30.40
C ASP D 35 -12.01 19.46 -28.87
N LEU D 36 -11.74 18.38 -28.17
CA LEU D 36 -11.84 18.37 -26.72
C LEU D 36 -10.48 18.64 -26.04
N ARG D 37 -9.42 18.84 -26.82
CA ARG D 37 -8.15 19.31 -26.25
C ARG D 37 -8.38 20.71 -25.68
N ILE D 38 -7.91 20.96 -24.47
CA ILE D 38 -8.30 22.17 -23.75
C ILE D 38 -7.22 22.46 -22.69
N ASP D 39 -6.95 23.73 -22.41
CA ASP D 39 -5.91 24.01 -21.40
C ASP D 39 -6.34 25.17 -20.50
N THR D 40 -7.57 25.63 -20.67
CA THR D 40 -8.16 26.66 -19.78
C THR D 40 -9.69 26.50 -19.79
N LYS D 41 -10.41 27.51 -19.31
CA LYS D 41 -11.87 27.56 -19.47
C LYS D 41 -12.25 27.39 -20.95
N PRO D 42 -13.36 26.66 -21.22
CA PRO D 42 -13.61 26.34 -22.63
C PRO D 42 -14.25 27.52 -23.37
N ASP D 43 -13.95 27.60 -24.66
CA ASP D 43 -14.61 28.53 -25.55
C ASP D 43 -15.97 27.95 -25.97
N LEU D 44 -17.04 28.70 -25.74
CA LEU D 44 -18.42 28.22 -25.99
C LEU D 44 -18.87 28.44 -27.46
N THR D 45 -17.96 28.85 -28.34
CA THR D 45 -18.28 29.13 -29.76
C THR D 45 -18.98 27.95 -30.46
N PRO D 46 -18.44 26.72 -30.39
CA PRO D 46 -19.14 25.61 -31.05
C PRO D 46 -20.55 25.35 -30.49
N VAL D 47 -20.78 25.68 -29.21
CA VAL D 47 -22.10 25.47 -28.62
C VAL D 47 -23.05 26.56 -29.14
N THR D 48 -22.58 27.80 -29.14
CA THR D 48 -23.35 28.90 -29.72
C THR D 48 -23.72 28.58 -31.17
N ASP D 49 -22.78 28.03 -31.92
CA ASP D 49 -23.02 27.66 -33.33
C ASP D 49 -24.12 26.61 -33.44
N ALA D 50 -24.03 25.56 -32.62
CA ALA D 50 -25.03 24.48 -32.61
C ALA D 50 -26.39 25.04 -32.16
N ASP D 51 -26.37 25.89 -31.14
CA ASP D 51 -27.58 26.57 -30.62
C ASP D 51 -28.28 27.30 -31.76
N ARG D 52 -27.54 28.08 -32.55
CA ARG D 52 -28.10 28.83 -33.69
C ARG D 52 -28.66 27.88 -34.78
N ALA D 53 -27.96 26.80 -35.07
CA ALA D 53 -28.46 25.86 -36.09
C ALA D 53 -29.78 25.20 -35.65
N VAL D 54 -29.89 24.83 -34.37
CA VAL D 54 -31.12 24.19 -33.89
C VAL D 54 -32.27 25.20 -33.93
N GLU D 55 -31.98 26.42 -33.49
CA GLU D 55 -33.01 27.43 -33.39
C GLU D 55 -33.57 27.70 -34.79
N SER D 56 -32.69 27.82 -35.77
CA SER D 56 -33.07 28.10 -37.14
C SER D 56 -34.02 27.02 -37.65
N ASP D 57 -33.64 25.76 -37.42
CA ASP D 57 -34.45 24.64 -37.88
C ASP D 57 -35.81 24.65 -37.19
N VAL D 58 -35.82 24.86 -35.87
CA VAL D 58 -37.07 24.88 -35.10
C VAL D 58 -37.99 25.98 -35.63
N ARG D 59 -37.42 27.18 -35.81
CA ARG D 59 -38.23 28.33 -36.27
C ARG D 59 -38.84 28.03 -37.64
N GLN D 60 -38.01 27.49 -38.56
CA GLN D 60 -38.47 27.14 -39.90
C GLN D 60 -39.62 26.12 -39.84
N THR D 61 -39.46 25.04 -39.05
CA THR D 61 -40.53 24.04 -38.96
C THR D 61 -41.79 24.66 -38.35
N LEU D 62 -41.65 25.45 -37.28
CA LEU D 62 -42.86 25.92 -36.60
C LEU D 62 -43.56 26.96 -37.46
N GLY D 63 -42.77 27.75 -38.20
CA GLY D 63 -43.35 28.68 -39.19
C GLY D 63 -44.22 27.94 -40.20
N ARG D 64 -43.78 26.77 -40.63
CA ARG D 64 -44.51 25.98 -41.61
C ARG D 64 -45.70 25.25 -40.95
N ASP D 65 -45.50 24.59 -39.81
CA ASP D 65 -46.51 23.67 -39.28
C ASP D 65 -47.43 24.37 -38.26
N ARG D 66 -47.01 25.50 -37.69
CA ARG D 66 -47.83 26.16 -36.66
C ARG D 66 -47.79 27.67 -36.89
N PRO D 67 -48.27 28.13 -38.06
CA PRO D 67 -48.14 29.55 -38.35
C PRO D 67 -48.75 30.48 -37.28
N ASP D 69 -48.23 30.26 -34.02
CA ASP D 69 -47.66 30.04 -32.69
C ASP D 69 -46.40 30.90 -32.54
N GLY D 70 -46.23 31.53 -31.38
CA GLY D 70 -44.98 32.24 -31.11
C GLY D 70 -43.83 31.27 -30.79
N VAL D 71 -42.61 31.78 -30.95
CA VAL D 71 -41.39 31.03 -30.65
C VAL D 71 -40.44 31.88 -29.80
N LEU D 72 -40.03 31.33 -28.65
CA LEU D 72 -39.05 31.90 -27.73
C LEU D 72 -37.84 30.97 -27.68
N GLY D 73 -36.64 31.51 -27.91
CA GLY D 73 -35.39 30.75 -27.79
C GLY D 73 -34.51 31.29 -26.67
N GLU D 74 -33.72 30.43 -26.03
CA GLU D 74 -33.00 30.81 -24.80
C GLU D 74 -32.29 32.16 -24.96
N THR D 80 -40.64 36.67 -22.81
CA THR D 80 -40.63 37.68 -21.73
C THR D 80 -42.07 38.14 -21.40
N THR D 81 -42.93 38.35 -22.41
CA THR D 81 -44.38 38.36 -22.15
C THR D 81 -44.99 37.04 -22.62
N PHE D 82 -45.73 36.37 -21.75
CA PHE D 82 -46.32 35.05 -22.06
C PHE D 82 -47.77 35.22 -22.52
N THR D 83 -48.02 34.91 -23.80
CA THR D 83 -49.31 35.13 -24.41
C THR D 83 -49.62 33.91 -25.28
N GLY D 84 -50.84 33.39 -25.29
CA GLY D 84 -51.24 32.44 -26.35
C GLY D 84 -50.43 31.14 -26.36
N ARG D 85 -50.33 30.50 -27.52
CA ARG D 85 -49.51 29.31 -27.66
C ARG D 85 -48.06 29.72 -28.02
N GLN D 86 -47.09 29.25 -27.25
CA GLN D 86 -45.73 29.70 -27.43
C GLN D 86 -44.77 28.53 -27.18
N TRP D 87 -43.91 28.31 -28.17
CA TRP D 87 -42.90 27.28 -28.10
C TRP D 87 -41.66 27.87 -27.46
N ILE D 88 -41.03 27.11 -26.58
CA ILE D 88 -39.82 27.59 -25.93
C ILE D 88 -38.79 26.47 -26.13
N VAL D 89 -37.61 26.85 -26.61
CA VAL D 89 -36.56 25.88 -26.90
C VAL D 89 -35.25 26.35 -26.26
N ASP D 90 -34.59 25.39 -25.61
CA ASP D 90 -33.20 25.55 -25.23
C ASP D 90 -32.43 24.45 -25.96
N PRO D 91 -31.74 24.81 -27.05
CA PRO D 91 -31.17 23.77 -27.93
C PRO D 91 -30.14 22.89 -27.20
N ILE D 92 -29.35 23.48 -26.33
CA ILE D 92 -28.44 22.71 -25.49
C ILE D 92 -28.48 23.25 -24.06
N ASP D 93 -29.10 22.49 -23.18
CA ASP D 93 -28.95 22.73 -21.75
C ASP D 93 -27.79 21.84 -21.28
N GLY D 94 -26.88 22.37 -20.47
CA GLY D 94 -25.65 21.62 -20.16
C GLY D 94 -24.55 21.99 -21.16
N THR D 95 -24.58 23.24 -21.62
CA THR D 95 -23.58 23.83 -22.52
C THR D 95 -22.15 23.55 -22.01
N LYS D 96 -21.94 23.75 -20.72
CA LYS D 96 -20.60 23.58 -20.12
C LYS D 96 -20.19 22.12 -20.15
N ASN D 97 -21.14 21.15 -20.19
CA ASN D 97 -20.81 19.75 -20.32
C ASN D 97 -20.55 19.44 -21.81
N PHE D 98 -21.44 19.89 -22.68
CA PHE D 98 -21.31 19.73 -24.14
C PHE D 98 -19.88 20.08 -24.58
N VAL D 99 -19.43 21.26 -24.19
CA VAL D 99 -18.14 21.79 -24.67
C VAL D 99 -16.95 21.01 -24.09
N ARG D 100 -17.10 20.34 -22.95
CA ARG D 100 -15.98 19.58 -22.37
C ARG D 100 -16.05 18.13 -22.83
N GLY D 101 -17.14 17.73 -23.49
CA GLY D 101 -17.21 16.33 -23.88
C GLY D 101 -17.96 15.47 -22.85
N VAL D 102 -18.57 16.08 -21.83
CA VAL D 102 -19.46 15.34 -20.89
C VAL D 102 -20.83 15.20 -21.54
N PRO D 103 -21.40 13.97 -21.62
CA PRO D 103 -22.60 13.77 -22.46
C PRO D 103 -23.93 14.14 -21.78
N VAL D 104 -23.87 14.72 -20.58
CA VAL D 104 -25.07 15.22 -19.85
C VAL D 104 -25.44 16.59 -20.43
N TRP D 105 -26.15 16.59 -21.55
CA TRP D 105 -26.65 17.81 -22.14
C TRP D 105 -27.93 17.41 -22.91
N ALA D 106 -28.84 18.35 -23.14
CA ALA D 106 -30.06 17.94 -23.80
C ALA D 106 -30.70 19.16 -24.48
N SER D 107 -31.48 18.89 -25.53
CA SER D 107 -32.39 19.89 -26.04
C SER D 107 -33.68 19.82 -25.23
N LEU D 108 -34.20 20.99 -24.87
CA LEU D 108 -35.43 21.13 -24.12
C LEU D 108 -36.42 21.88 -24.99
N ILE D 109 -37.55 21.23 -25.27
CA ILE D 109 -38.58 21.81 -26.12
C ILE D 109 -39.90 21.75 -25.33
N ALA D 110 -40.59 22.89 -25.26
CA ALA D 110 -41.87 22.92 -24.55
C ALA D 110 -42.86 23.80 -25.34
N LEU D 111 -44.13 23.42 -25.28
CA LEU D 111 -45.20 24.34 -25.67
C LEU D 111 -45.90 24.84 -24.40
N LEU D 112 -45.93 26.18 -24.30
CA LEU D 112 -46.66 26.89 -23.25
C LEU D 112 -47.99 27.35 -23.86
N GLU D 113 -49.05 27.24 -23.07
CA GLU D 113 -50.33 27.87 -23.38
C GLU D 113 -50.58 28.87 -22.25
N ASP D 114 -50.51 30.16 -22.57
CA ASP D 114 -50.65 31.17 -21.52
C ASP D 114 -49.56 30.94 -20.45
N GLY D 115 -48.36 30.54 -20.88
CA GLY D 115 -47.21 30.48 -19.96
C GLY D 115 -47.13 29.17 -19.18
N VAL D 116 -48.08 28.27 -19.41
CA VAL D 116 -48.15 26.99 -18.68
C VAL D 116 -47.67 25.85 -19.60
N PRO D 117 -46.62 25.11 -19.18
CA PRO D 117 -46.11 24.02 -20.03
C PRO D 117 -47.22 23.00 -20.28
N SER D 118 -47.52 22.67 -21.54
CA SER D 118 -48.55 21.66 -21.80
C SER D 118 -47.97 20.45 -22.57
N VAL D 119 -46.83 20.66 -23.22
CA VAL D 119 -46.07 19.62 -23.93
C VAL D 119 -44.59 19.84 -23.61
N GLY D 120 -43.86 18.77 -23.30
CA GLY D 120 -42.44 18.94 -23.02
C GLY D 120 -41.63 17.77 -23.54
N VAL D 121 -40.44 18.04 -24.08
CA VAL D 121 -39.53 16.97 -24.53
C VAL D 121 -38.14 17.34 -24.03
N VAL D 122 -37.45 16.36 -23.43
CA VAL D 122 -36.08 16.51 -23.00
C VAL D 122 -35.29 15.46 -23.77
N SER D 123 -34.40 15.91 -24.66
CA SER D 123 -33.77 14.98 -25.58
C SER D 123 -32.26 15.03 -25.39
N ALA D 124 -31.70 13.90 -24.91
CA ALA D 124 -30.27 13.78 -24.57
C ALA D 124 -29.62 12.68 -25.44
N PRO D 125 -29.26 13.03 -26.69
CA PRO D 125 -28.82 12.02 -27.65
C PRO D 125 -27.50 11.34 -27.28
N ALA D 126 -26.60 12.01 -26.56
CA ALA D 126 -25.35 11.38 -26.13
C ALA D 126 -25.55 10.52 -24.88
N LEU D 127 -26.71 10.60 -24.20
CA LEU D 127 -27.06 9.66 -23.14
C LEU D 127 -27.96 8.57 -23.72
N GLN D 128 -28.23 8.67 -25.02
CA GLN D 128 -29.18 7.79 -25.71
C GLN D 128 -30.55 7.80 -24.99
N ARG D 129 -31.02 8.98 -24.55
CA ARG D 129 -32.28 9.02 -23.75
C ARG D 129 -33.17 10.19 -24.17
N ARG D 130 -34.47 9.99 -24.03
CA ARG D 130 -35.44 11.07 -24.25
C ARG D 130 -36.53 10.91 -23.20
N TRP D 131 -37.01 12.04 -22.67
CA TRP D 131 -38.15 12.06 -21.76
C TRP D 131 -39.21 12.99 -22.36
N TRP D 132 -40.48 12.66 -22.21
CA TRP D 132 -41.49 13.59 -22.72
C TRP D 132 -42.81 13.45 -21.96
N ALA D 133 -43.66 14.44 -22.13
CA ALA D 133 -44.97 14.46 -21.48
C ALA D 133 -45.89 15.44 -22.22
N ALA D 134 -47.19 15.21 -22.06
CA ALA D 134 -48.20 16.19 -22.49
C ALA D 134 -49.33 16.17 -21.47
N ARG D 135 -49.93 17.34 -21.24
CA ARG D 135 -51.00 17.46 -20.23
C ARG D 135 -52.07 16.38 -20.47
N GLY D 136 -52.43 15.68 -19.40
CA GLY D 136 -53.47 14.66 -19.43
C GLY D 136 -53.02 13.36 -20.08
N ARG D 137 -51.78 13.24 -20.56
CA ARG D 137 -51.44 12.07 -21.37
C ARG D 137 -50.28 11.27 -20.75
N GLY D 138 -49.79 11.70 -19.60
CA GLY D 138 -48.71 10.98 -18.92
C GLY D 138 -47.31 11.40 -19.39
N ALA D 139 -46.30 10.91 -18.67
CA ALA D 139 -44.89 11.17 -19.00
C ALA D 139 -44.23 9.85 -19.37
N PHE D 140 -43.22 9.89 -20.26
CA PHE D 140 -42.59 8.70 -20.80
C PHE D 140 -41.07 8.90 -20.96
N ALA D 141 -40.34 7.79 -20.98
CA ALA D 141 -38.93 7.82 -21.31
C ALA D 141 -38.61 6.69 -22.31
N SER D 142 -37.59 6.90 -23.13
CA SER D 142 -37.07 5.83 -23.94
C SER D 142 -35.54 5.83 -23.81
N VAL D 143 -34.98 4.62 -23.85
CA VAL D 143 -33.54 4.42 -23.83
C VAL D 143 -33.15 3.78 -25.15
N ASP D 144 -32.23 4.43 -25.87
CA ASP D 144 -31.84 4.11 -27.26
C ASP D 144 -33.09 3.77 -28.10
N ALA D 146 -35.54 1.87 -27.69
CA ALA D 146 -36.47 0.85 -27.22
C ALA D 146 -37.86 1.48 -26.98
N ARG D 147 -38.87 0.67 -26.69
CA ARG D 147 -40.24 1.15 -26.55
C ARG D 147 -40.28 2.13 -25.38
N PRO D 148 -41.11 3.19 -25.48
CA PRO D 148 -41.36 4.11 -24.36
C PRO D 148 -41.91 3.39 -23.12
N HIS D 149 -41.54 3.87 -21.94
CA HIS D 149 -42.05 3.38 -20.67
C HIS D 149 -42.70 4.57 -19.94
N ARG D 150 -43.86 4.34 -19.36
CA ARG D 150 -44.59 5.38 -18.67
C ARG D 150 -43.88 5.67 -17.33
N LEU D 151 -43.76 6.94 -16.96
CA LEU D 151 -42.98 7.32 -15.77
C LEU D 151 -43.90 7.55 -14.58
N SER D 152 -43.36 7.22 -13.41
CA SER D 152 -43.99 7.51 -12.17
C SER D 152 -42.93 7.87 -11.12
N VAL D 153 -43.18 8.93 -10.36
CA VAL D 153 -42.29 9.32 -9.24
C VAL D 153 -42.31 8.22 -8.17
N SER D 154 -41.35 8.22 -7.25
CA SER D 154 -41.26 7.18 -6.23
C SER D 154 -42.34 7.41 -5.14
N SER D 155 -42.40 6.52 -4.15
CA SER D 155 -43.30 6.67 -3.01
C SER D 155 -42.53 6.88 -1.70
N VAL D 156 -41.29 7.36 -1.79
CA VAL D 156 -40.47 7.55 -0.61
C VAL D 156 -41.07 8.68 0.24
N ALA D 157 -41.36 8.42 1.50
CA ALA D 157 -42.13 9.40 2.29
C ALA D 157 -41.27 10.02 3.38
N GLU D 158 -40.13 9.43 3.66
CA GLU D 158 -39.30 9.99 4.72
C GLU D 158 -38.01 10.54 4.12
N LEU D 159 -37.70 11.77 4.50
CA LEU D 159 -36.51 12.46 4.07
C LEU D 159 -35.26 11.61 4.30
N HIS D 160 -35.17 10.95 5.46
CA HIS D 160 -34.01 10.11 5.83
C HIS D 160 -33.86 8.92 4.87
N SER D 161 -34.86 8.60 4.08
CA SER D 161 -34.74 7.48 3.10
C SER D 161 -34.53 7.99 1.66
N ALA D 162 -34.51 9.33 1.50
CA ALA D 162 -34.62 9.92 0.17
C ALA D 162 -33.26 9.97 -0.53
N SER D 163 -33.31 9.96 -1.85
CA SER D 163 -32.18 10.20 -2.73
C SER D 163 -32.29 11.62 -3.36
N LEU D 164 -31.20 12.40 -3.30
CA LEU D 164 -31.17 13.78 -3.79
C LEU D 164 -30.14 13.92 -4.92
N SER D 165 -30.48 14.66 -5.98
CA SER D 165 -29.49 15.09 -6.98
C SER D 165 -29.56 16.63 -7.12
N PHE D 166 -28.41 17.28 -7.13
CA PHE D 166 -28.34 18.73 -7.33
C PHE D 166 -27.36 19.04 -8.48
N SER D 167 -26.93 20.28 -8.60
CA SER D 167 -25.91 20.66 -9.55
C SER D 167 -24.60 21.01 -8.80
N SER D 168 -24.52 22.15 -8.15
CA SER D 168 -23.32 22.43 -7.35
C SER D 168 -23.68 23.23 -6.10
N LEU D 169 -22.69 23.42 -5.24
CA LEU D 169 -22.91 24.08 -3.97
C LEU D 169 -22.84 25.59 -4.17
N SER D 170 -22.04 26.02 -5.14
CA SER D 170 -21.64 27.41 -5.22
C SER D 170 -22.87 28.31 -5.44
N GLY D 171 -23.87 27.84 -6.19
CA GLY D 171 -25.02 28.69 -6.52
C GLY D 171 -25.94 28.96 -5.33
N TRP D 172 -25.80 28.22 -4.23
CA TRP D 172 -26.70 28.38 -3.07
C TRP D 172 -26.27 29.67 -2.32
N ALA D 173 -26.94 30.78 -2.61
CA ALA D 173 -26.45 32.10 -2.11
C ALA D 173 -26.68 32.20 -0.60
N GLY D 176 -26.23 31.08 4.61
CA GLY D 176 -27.60 31.00 5.07
C GLY D 176 -28.35 29.88 4.35
N LEU D 177 -28.64 30.12 3.09
CA LEU D 177 -29.32 29.07 2.27
C LEU D 177 -28.32 27.95 1.95
N ARG D 178 -27.08 28.31 1.76
CA ARG D 178 -26.00 27.32 1.61
C ARG D 178 -25.94 26.38 2.82
N GLU D 179 -26.04 26.90 4.05
CA GLU D 179 -25.90 26.07 5.25
C GLU D 179 -27.12 25.15 5.33
N ARG D 180 -28.29 25.67 4.99
CA ARG D 180 -29.51 24.90 5.01
C ARG D 180 -29.47 23.79 3.93
N PHE D 181 -28.97 24.11 2.73
CA PHE D 181 -28.87 23.09 1.67
C PHE D 181 -27.96 21.95 2.13
N ILE D 182 -26.81 22.30 2.67
CA ILE D 182 -25.82 21.32 3.11
C ILE D 182 -26.45 20.47 4.23
N GLY D 183 -27.28 21.08 5.06
CA GLY D 183 -28.00 20.34 6.09
C GLY D 183 -28.93 19.30 5.47
N LEU D 184 -29.63 19.67 4.40
CA LEU D 184 -30.50 18.71 3.70
C LEU D 184 -29.65 17.53 3.18
N THR D 185 -28.49 17.83 2.57
CA THR D 185 -27.64 16.78 2.03
C THR D 185 -27.15 15.85 3.14
N ASP D 186 -26.99 16.34 4.38
CA ASP D 186 -26.57 15.49 5.50
C ASP D 186 -27.74 14.63 6.00
N THR D 187 -28.98 15.03 5.72
CA THR D 187 -30.16 14.37 6.27
C THR D 187 -30.58 13.17 5.42
N VAL D 188 -30.44 13.29 4.11
CA VAL D 188 -31.07 12.30 3.23
C VAL D 188 -30.20 11.02 3.19
N TRP D 189 -30.71 9.99 2.56
CA TRP D 189 -30.05 8.70 2.43
C TRP D 189 -28.89 8.80 1.43
N ARG D 190 -29.12 9.46 0.29
CA ARG D 190 -28.09 9.42 -0.78
C ARG D 190 -28.03 10.78 -1.48
N VAL D 191 -26.81 11.27 -1.74
CA VAL D 191 -26.58 12.54 -2.42
C VAL D 191 -25.67 12.31 -3.63
N ARG D 192 -26.07 12.87 -4.77
CA ARG D 192 -25.28 12.91 -6.00
C ARG D 192 -25.53 14.28 -6.64
N ALA D 193 -24.73 14.65 -7.65
CA ALA D 193 -25.03 15.91 -8.39
C ALA D 193 -24.84 15.65 -9.90
N TYR D 194 -25.86 15.04 -10.53
CA TYR D 194 -25.82 14.68 -11.94
C TYR D 194 -26.01 15.97 -12.76
N GLY D 195 -26.62 16.98 -12.15
CA GLY D 195 -26.60 18.34 -12.67
C GLY D 195 -27.69 18.57 -13.73
N ASP D 196 -28.06 19.85 -13.86
CA ASP D 196 -28.91 20.32 -14.99
C ASP D 196 -30.25 19.56 -15.02
N PHE D 197 -30.74 19.31 -16.23
CA PHE D 197 -31.99 18.64 -16.50
C PHE D 197 -32.01 17.23 -15.92
N LEU D 198 -30.85 16.59 -15.80
CA LEU D 198 -30.84 15.15 -15.53
C LEU D 198 -31.39 14.85 -14.13
N SER D 199 -31.06 15.65 -13.14
CA SER D 199 -31.60 15.51 -11.76
C SER D 199 -33.13 15.41 -11.80
N TYR D 200 -33.78 16.32 -12.54
CA TYR D 200 -35.25 16.42 -12.63
C TYR D 200 -35.85 15.22 -13.36
N CYS D 201 -35.22 14.80 -14.47
CA CYS D 201 -35.70 13.64 -15.23
C CYS D 201 -35.64 12.36 -14.36
N LEU D 202 -34.61 12.24 -13.53
CA LEU D 202 -34.48 11.08 -12.63
C LEU D 202 -35.56 11.14 -11.53
N VAL D 203 -35.94 12.34 -11.10
CA VAL D 203 -37.10 12.45 -10.18
C VAL D 203 -38.35 11.91 -10.90
N ALA D 204 -38.57 12.31 -12.15
CA ALA D 204 -39.78 11.90 -12.87
C ALA D 204 -39.83 10.38 -13.05
N GLU D 205 -38.66 9.75 -13.24
CA GLU D 205 -38.56 8.31 -13.42
C GLU D 205 -38.77 7.59 -12.08
N GLY D 206 -38.66 8.29 -10.95
CA GLY D 206 -38.79 7.59 -9.66
C GLY D 206 -37.45 7.02 -9.18
N ALA D 207 -36.37 7.35 -9.86
CA ALA D 207 -35.04 6.80 -9.55
C ALA D 207 -34.31 7.69 -8.53
N VAL D 208 -34.67 8.98 -8.49
CA VAL D 208 -34.21 9.93 -7.47
C VAL D 208 -35.48 10.55 -6.85
N ASP D 209 -35.40 11.11 -5.64
CA ASP D 209 -36.60 11.60 -4.94
C ASP D 209 -36.69 13.13 -4.91
N ILE D 210 -35.54 13.81 -4.91
CA ILE D 210 -35.44 15.27 -4.80
C ILE D 210 -34.40 15.79 -5.81
N ALA D 211 -34.75 16.84 -6.56
CA ALA D 211 -33.80 17.59 -7.36
C ALA D 211 -33.91 19.08 -6.97
N ALA D 212 -32.79 19.81 -6.88
CA ALA D 212 -32.91 21.23 -6.52
C ALA D 212 -31.81 22.06 -7.20
N GLU D 213 -32.18 23.26 -7.65
CA GLU D 213 -31.28 24.22 -8.20
C GLU D 213 -31.73 25.62 -7.74
N PRO D 214 -30.76 26.45 -7.29
CA PRO D 214 -31.11 27.72 -6.68
C PRO D 214 -31.35 28.84 -7.70
N GLN D 215 -30.88 28.67 -8.94
CA GLN D 215 -30.99 29.76 -9.95
C GLN D 215 -31.17 29.13 -11.33
N VAL D 216 -32.37 29.27 -11.91
CA VAL D 216 -32.73 28.55 -13.13
C VAL D 216 -33.93 29.22 -13.83
N SER D 217 -33.77 29.39 -15.13
CA SER D 217 -34.63 30.21 -15.98
C SER D 217 -35.80 29.37 -16.49
N VAL D 218 -36.81 30.03 -17.03
CA VAL D 218 -37.96 29.34 -17.61
C VAL D 218 -37.51 28.42 -18.76
N TRP D 219 -36.53 28.83 -19.57
CA TRP D 219 -36.02 27.99 -20.70
C TRP D 219 -35.53 26.64 -20.18
N ASP D 220 -35.02 26.61 -18.96
CA ASP D 220 -34.43 25.38 -18.44
C ASP D 220 -35.44 24.52 -17.71
N LEU D 221 -36.64 25.03 -17.45
CA LEU D 221 -37.58 24.40 -16.51
C LEU D 221 -38.88 24.02 -17.23
N ALA D 222 -39.23 24.72 -18.30
CA ALA D 222 -40.57 24.51 -18.90
C ALA D 222 -40.82 23.04 -19.24
N ALA D 223 -39.91 22.40 -20.00
CA ALA D 223 -40.15 20.99 -20.39
C ALA D 223 -40.12 20.10 -19.13
N LEU D 224 -39.25 20.42 -18.17
CA LEU D 224 -39.13 19.59 -16.97
C LEU D 224 -40.42 19.64 -16.14
N ASP D 225 -41.07 20.81 -16.14
CA ASP D 225 -42.28 21.03 -15.32
C ASP D 225 -43.39 20.07 -15.75
N ILE D 226 -43.65 19.94 -17.05
CA ILE D 226 -44.73 19.08 -17.50
C ILE D 226 -44.33 17.60 -17.30
N VAL D 227 -43.06 17.26 -17.52
CA VAL D 227 -42.62 15.88 -17.34
C VAL D 227 -42.79 15.46 -15.88
N VAL D 228 -42.32 16.26 -14.93
CA VAL D 228 -42.43 15.95 -13.50
C VAL D 228 -43.91 15.85 -13.09
N ARG D 229 -44.72 16.81 -13.52
CA ARG D 229 -46.14 16.81 -13.12
C ARG D 229 -46.86 15.56 -13.66
N GLU D 230 -46.64 15.22 -14.92
CA GLU D 230 -47.32 14.09 -15.54
C GLU D 230 -46.81 12.79 -14.93
N ALA D 231 -45.63 12.82 -14.30
CA ALA D 231 -45.09 11.60 -13.64
C ALA D 231 -45.64 11.49 -12.21
N GLY D 232 -46.34 12.54 -11.75
CA GLY D 232 -46.97 12.50 -10.44
C GLY D 232 -46.25 13.34 -9.42
N GLY D 233 -45.21 14.08 -9.83
CA GLY D 233 -44.44 14.82 -8.86
C GLY D 233 -44.86 16.28 -8.79
N ARG D 234 -44.03 17.08 -8.14
CA ARG D 234 -44.27 18.50 -8.01
C ARG D 234 -42.96 19.22 -8.32
N LEU D 235 -43.07 20.37 -8.99
CA LEU D 235 -41.90 21.22 -9.22
CA LEU D 235 -41.92 21.23 -9.30
C LEU D 235 -42.34 22.64 -8.90
N THR D 236 -41.62 23.27 -7.97
CA THR D 236 -41.95 24.60 -7.54
C THR D 236 -40.65 25.39 -7.42
N SER D 237 -40.77 26.70 -7.29
CA SER D 237 -39.61 27.48 -6.81
C SER D 237 -39.33 27.17 -5.33
N LEU D 238 -38.26 27.74 -4.80
CA LEU D 238 -37.87 27.55 -3.44
C LEU D 238 -38.96 28.10 -2.50
N ASP D 239 -39.80 29.06 -2.91
CA ASP D 239 -40.87 29.53 -2.00
C ASP D 239 -42.15 28.71 -2.15
N GLY D 240 -42.11 27.63 -2.93
CA GLY D 240 -43.27 26.76 -3.08
C GLY D 240 -44.27 27.18 -4.15
N VAL D 241 -44.00 28.22 -4.96
CA VAL D 241 -44.92 28.53 -6.05
C VAL D 241 -44.71 27.55 -7.22
N ALA D 242 -45.82 26.94 -7.68
CA ALA D 242 -45.81 25.97 -8.77
C ALA D 242 -45.23 26.55 -10.06
N GLY D 243 -44.48 25.71 -10.77
CA GLY D 243 -44.20 25.94 -12.20
C GLY D 243 -42.81 26.51 -12.42
N PRO D 244 -42.51 26.89 -13.70
CA PRO D 244 -41.14 27.14 -14.16
C PRO D 244 -40.73 28.60 -14.12
N HIS D 245 -41.59 29.49 -13.58
CA HIS D 245 -41.39 30.95 -13.72
C HIS D 245 -40.75 31.57 -12.48
N GLY D 246 -40.32 30.79 -11.50
CA GLY D 246 -40.02 31.39 -10.19
C GLY D 246 -38.54 31.68 -9.97
N GLY D 247 -37.65 31.35 -10.92
CA GLY D 247 -36.20 31.71 -10.76
C GLY D 247 -35.38 30.61 -10.06
N SER D 248 -36.02 29.59 -9.51
CA SER D 248 -35.33 28.50 -8.75
C SER D 248 -36.22 27.26 -8.90
N ALA D 249 -35.73 26.05 -8.63
CA ALA D 249 -36.56 24.89 -8.88
C ALA D 249 -36.25 23.80 -7.85
N VAL D 250 -37.29 23.30 -7.22
CA VAL D 250 -37.22 22.08 -6.40
C VAL D 250 -38.26 21.11 -6.99
N ALA D 251 -37.84 19.92 -7.38
CA ALA D 251 -38.75 18.92 -7.86
C ALA D 251 -38.67 17.73 -6.91
N THR D 252 -39.83 17.18 -6.57
CA THR D 252 -39.84 16.00 -5.74
C THR D 252 -40.96 15.09 -6.24
N ASN D 253 -41.07 13.93 -5.58
CA ASN D 253 -42.11 12.95 -5.78
C ASN D 253 -43.44 13.45 -5.20
N GLY D 254 -43.47 14.66 -4.63
CA GLY D 254 -44.70 15.26 -4.06
C GLY D 254 -44.81 14.98 -2.57
N LEU D 255 -44.63 13.72 -2.15
CA LEU D 255 -44.64 13.35 -0.73
C LEU D 255 -43.59 14.14 0.05
N LEU D 256 -42.40 14.37 -0.51
CA LEU D 256 -41.31 14.98 0.28
C LEU D 256 -41.36 16.51 0.18
N HIS D 257 -42.24 17.02 -0.67
CA HIS D 257 -42.13 18.43 -1.11
C HIS D 257 -42.19 19.40 0.07
N ASP D 258 -43.22 19.31 0.89
CA ASP D 258 -43.41 20.26 1.99
C ASP D 258 -42.23 20.16 2.96
N GLU D 259 -41.77 18.95 3.27
CA GLU D 259 -40.65 18.87 4.21
C GLU D 259 -39.36 19.46 3.60
N VAL D 260 -39.13 19.25 2.30
CA VAL D 260 -37.95 19.83 1.67
C VAL D 260 -38.06 21.36 1.69
N LEU D 261 -39.18 21.93 1.30
CA LEU D 261 -39.23 23.40 1.28
C LEU D 261 -39.06 23.96 2.69
N THR D 262 -39.61 23.26 3.69
CA THR D 262 -39.50 23.71 5.09
C THR D 262 -38.04 23.68 5.51
N ARG D 263 -37.32 22.59 5.22
CA ARG D 263 -35.92 22.53 5.61
C ARG D 263 -35.11 23.61 4.87
N LEU D 264 -35.44 23.87 3.60
CA LEU D 264 -34.67 24.88 2.86
C LEU D 264 -35.13 26.30 3.20
N ASN D 265 -36.30 26.46 3.82
CA ASN D 265 -36.83 27.81 4.16
C ASN D 265 -36.74 28.04 5.67
#